data_6GOS
#
_entry.id   6GOS
#
_cell.length_a   180.960
_cell.length_b   83.400
_cell.length_c   86.900
_cell.angle_alpha   90.00
_cell.angle_beta   91.45
_cell.angle_gamma   90.00
#
_symmetry.space_group_name_H-M   'C 1 2 1'
#
loop_
_entity.id
_entity.type
_entity.pdbx_description
1 polymer 'Bacteriocin microcin B17'
2 polymer 'Microcin B17-processing protein McbB'
3 polymer 'Microcin B17-processing protein McbC'
4 polymer 'Microcin B17-processing protein McbD'
5 non-polymer 'ZINC ION'
6 non-polymer 'SULFATE ION'
7 non-polymer 'CHLORIDE ION'
8 non-polymer 1,2-ETHANEDIOL
9 non-polymer 'FLAVIN MONONUCLEOTIDE'
10 non-polymer GLYCEROL
11 water water
#
loop_
_entity_poly.entity_id
_entity_poly.type
_entity_poly.pdbx_seq_one_letter_code
_entity_poly.pdbx_strand_id
1 'polypeptide(L)'
;MGHHHHHHMELKASEFGVVLSVDALKLSRQSPLGVGIGGGGGGGGG(OTZ)GGQGG(F75)G(TOZ)N(TOZ)GGNG
(F6N)G(F6N)GSHI
;
A
2 'polypeptide(L)'
;MVLPDIKKGKDMINILPFEIISRNTKTLLITYISSVDITHEGMKKVLESLRSKQGIISEYLLDKLLDESLIDKDKGKEFL
ITTGVINKTKTSPLWVNSVIISDVPHLFSNAREQWKCDGVFVSHIIDIKDNNINVSDSTLIWLHLENYHSDIVKRIYSKF
ESNPGVAFIQSYYLKESFRIDGVYSPDLGTPCHFCHIERWLSREEKSFRRNEMSWANLLQLLKKYQMTLPALALGESERG
FSYHLIKRRLQELTGTSLVKSHVDNFMSSVSADLITCILCKEPVIHWQACSCLER
;
1,2
3 'polypeptide(L)'
;MSKHELSLVEVTHYTDPEVLAIVKDFHVRGNFASLPEFAERTFVSAVPLAHLEKFENKEVLFRPGFSSVINISSSHNFSR
ERLPSGINFCDKNKLSIRTIEKLLVNAFSSPDPGSVRRPYPSGGALYPIEVFLCRLSENTENWQAGTNVYHYLPLSQALE
PVATCNTQSLYRSLSGGDSERLGKPHFALVYCIIFEKALFKYRYRGYRMALMETGSMYQNAVLVADQIGLKNRVWAGYTD
SYVAKTMNLDQRTVAPLIVQFFGDVNDDKCLQ
;
C
4 'polypeptide(L)'
;MINVYSNLMSAWPATMAMSPKLNRNMPTFSQIWDYERITPASAAGETLKSIQGAIGEYFERRHFFNEIVTGGQKTLYEMM
PPSAAKAFTEAFFQISSLTRDEIITHKFKTVRAFNLFSLEQQEIPAVIIALDNITAADDLKFYPDRDTCGCSFHGSLNDA
IEGSLCEFMERQSLLLYWLQGKANTEISSEIVTGINHIDEILLALRSEGDIRIFDITLPGAPGHAVLTLYGTKNKISRIK
YSTGLSYANSLKKALCKSVVELWQSYICLHNFLIGGYTDDDIIDSYQRHFMSCNKYESFTDLCENTVLLSDDVKLTLEEN
ITSDTNLLNYLQQISDNIFVYYARERVSNSLVWYTKIVSPDFFLHMNNSGAININNKIYHTGDGIKVRESKMVPFP
;
D
#
# COMPACT_ATOMS: atom_id res chain seq x y z
N LYS A 12 -29.94 3.17 -2.68
CA LYS A 12 -29.74 4.58 -2.26
C LYS A 12 -31.07 5.32 -2.18
N ALA A 13 -31.68 5.57 -3.34
CA ALA A 13 -32.76 6.53 -3.50
C ALA A 13 -34.00 6.17 -2.67
N SER A 14 -34.39 7.05 -1.75
CA SER A 14 -35.57 6.84 -0.91
C SER A 14 -36.31 8.15 -0.61
N GLU A 15 -37.53 7.99 -0.12
CA GLU A 15 -38.38 9.10 0.31
C GLU A 15 -37.85 9.93 1.49
N PHE A 16 -36.86 9.41 2.22
CA PHE A 16 -36.43 10.00 3.49
C PHE A 16 -35.34 11.05 3.28
N GLY A 17 -34.62 10.94 2.16
CA GLY A 17 -33.48 11.83 1.87
C GLY A 17 -32.69 11.43 0.63
N VAL A 18 -31.55 12.09 0.42
CA VAL A 18 -30.66 11.79 -0.70
C VAL A 18 -29.28 11.45 -0.15
N VAL A 19 -28.76 10.29 -0.55
CA VAL A 19 -27.44 9.81 -0.07
C VAL A 19 -26.36 10.68 -0.71
N LEU A 20 -25.58 11.31 0.15
CA LEU A 20 -24.49 12.17 -0.26
C LEU A 20 -23.22 11.36 -0.44
N SER A 21 -22.92 10.50 0.52
CA SER A 21 -21.69 9.77 0.45
C SER A 21 -21.78 8.43 1.12
N VAL A 22 -20.89 7.54 0.72
CA VAL A 22 -20.84 6.17 1.20
C VAL A 22 -19.38 5.76 1.32
N ASP A 23 -19.03 5.16 2.46
CA ASP A 23 -17.77 4.44 2.63
C ASP A 23 -18.02 3.02 2.14
N ALA A 24 -17.65 2.78 0.89
CA ALA A 24 -17.97 1.53 0.20
C ALA A 24 -17.27 0.31 0.83
N LEU A 25 -16.04 0.47 1.31
CA LEU A 25 -15.36 -0.66 1.97
C LEU A 25 -16.14 -1.10 3.20
N LYS A 26 -16.47 -0.13 4.05
CA LYS A 26 -17.27 -0.37 5.24
C LYS A 26 -18.68 -0.82 4.93
N LEU A 27 -19.33 -0.24 3.92
CA LEU A 27 -20.66 -0.71 3.49
C LEU A 27 -20.64 -2.18 3.08
N SER A 28 -19.60 -2.59 2.34
CA SER A 28 -19.49 -3.98 1.90
C SER A 28 -19.36 -4.94 3.08
N ARG A 29 -18.71 -4.50 4.16
CA ARG A 29 -18.61 -5.27 5.40
C ARG A 29 -19.81 -5.18 6.37
N GLN A 30 -20.77 -4.26 6.16
CA GLN A 30 -22.00 -4.14 7.00
C GLN A 30 -23.12 -5.02 6.45
N GLY A 48 -9.14 -4.55 -0.42
CA GLY A 48 -8.64 -5.74 0.36
C GLY A 48 -7.87 -5.43 1.62
N GLY A 63 -16.42 -20.46 10.48
CA GLY A 63 -15.82 -21.40 9.48
C GLY A 63 -14.32 -21.61 9.62
N GLY A 65 -14.08 -23.71 3.52
CA GLY A 65 -14.90 -24.13 2.36
C GLY A 65 -14.55 -23.24 1.19
N SER A 66 -15.03 -23.59 0.01
CA SER A 66 -15.04 -22.67 -1.15
C SER A 66 -16.36 -21.86 -1.18
N HIS A 67 -16.46 -20.87 -2.07
CA HIS A 67 -17.75 -20.34 -2.57
C HIS A 67 -18.44 -21.43 -3.37
N MET B 12 -31.91 -8.36 18.18
CA MET B 12 -31.54 -7.20 19.02
C MET B 12 -31.11 -6.04 18.13
N ILE B 13 -31.69 -4.85 18.32
CA ILE B 13 -31.36 -3.65 17.55
C ILE B 13 -30.28 -2.85 18.26
N ASN B 14 -29.13 -2.65 17.61
CA ASN B 14 -28.01 -1.84 18.13
C ASN B 14 -27.97 -0.50 17.42
N ILE B 15 -27.94 0.60 18.17
CA ILE B 15 -27.85 1.95 17.61
C ILE B 15 -26.36 2.26 17.48
N LEU B 16 -25.93 2.52 16.23
CA LEU B 16 -24.52 2.74 15.88
C LEU B 16 -24.16 4.22 16.02
N PRO B 17 -22.87 4.54 15.88
CA PRO B 17 -22.50 5.94 16.05
C PRO B 17 -22.97 6.78 14.86
N PHE B 18 -23.58 7.91 15.16
CA PHE B 18 -23.99 8.84 14.12
C PHE B 18 -24.27 10.19 14.72
N GLU B 19 -24.31 11.20 13.88
CA GLU B 19 -24.90 12.49 14.23
C GLU B 19 -25.97 12.85 13.23
N ILE B 20 -26.88 13.70 13.68
CA ILE B 20 -27.98 14.22 12.88
C ILE B 20 -27.97 15.70 13.21
N ILE B 21 -27.63 16.54 12.25
CA ILE B 21 -27.43 17.98 12.49
C ILE B 21 -28.32 18.81 11.59
N SER B 22 -28.72 19.98 12.07
CA SER B 22 -29.59 20.89 11.31
C SER B 22 -29.15 22.34 11.46
N ARG B 23 -29.36 23.10 10.41
CA ARG B 23 -29.17 24.56 10.42
C ARG B 23 -30.03 25.14 9.31
N ASN B 24 -30.86 26.14 9.65
CA ASN B 24 -31.91 26.64 8.75
C ASN B 24 -32.80 25.44 8.35
N THR B 25 -33.10 25.27 7.05
CA THR B 25 -33.96 24.17 6.60
C THR B 25 -33.20 22.88 6.20
N LYS B 26 -31.90 22.82 6.50
CA LYS B 26 -31.06 21.73 6.07
C LYS B 26 -30.76 20.78 7.24
N THR B 27 -30.91 19.47 6.99
CA THR B 27 -30.67 18.43 8.00
C THR B 27 -29.82 17.34 7.35
N LEU B 28 -28.71 16.99 8.00
CA LEU B 28 -27.82 15.94 7.49
C LEU B 28 -27.59 14.85 8.54
N LEU B 29 -27.68 13.60 8.07
CA LEU B 29 -27.29 12.41 8.83
C LEU B 29 -25.88 11.98 8.40
N ILE B 30 -25.04 11.67 9.37
CA ILE B 30 -23.68 11.26 9.10
C ILE B 30 -23.38 10.06 9.97
N THR B 31 -23.04 8.95 9.35
CA THR B 31 -22.70 7.75 10.10
C THR B 31 -21.32 7.29 9.66
N TYR B 32 -20.88 6.18 10.22
CA TYR B 32 -19.63 5.58 9.80
C TYR B 32 -19.74 5.03 8.39
N ILE B 33 -20.96 4.79 7.92
CA ILE B 33 -21.22 4.14 6.65
C ILE B 33 -21.59 5.13 5.55
N SER B 34 -22.37 6.15 5.88
CA SER B 34 -22.91 7.02 4.87
C SER B 34 -23.25 8.40 5.41
N SER B 35 -23.61 9.28 4.48
CA SER B 35 -24.19 10.54 4.79
C SER B 35 -25.42 10.77 3.89
N VAL B 36 -26.46 11.40 4.44
CA VAL B 36 -27.75 11.57 3.77
C VAL B 36 -28.23 12.98 4.05
N ASP B 37 -28.63 13.67 2.98
CA ASP B 37 -29.40 14.92 3.09
C ASP B 37 -30.85 14.52 3.38
N ILE B 38 -31.31 14.73 4.62
CA ILE B 38 -32.61 14.21 5.09
C ILE B 38 -33.71 15.20 4.76
N THR B 39 -34.70 14.75 3.98
CA THR B 39 -35.78 15.62 3.49
C THR B 39 -37.15 15.27 4.02
N HIS B 40 -37.22 14.44 5.05
CA HIS B 40 -38.47 13.95 5.60
C HIS B 40 -38.44 14.29 7.09
N GLU B 41 -39.40 15.12 7.53
CA GLU B 41 -39.55 15.54 8.93
C GLU B 41 -39.75 14.35 9.87
N GLY B 42 -40.61 13.44 9.46
CA GLY B 42 -40.80 12.18 10.19
C GLY B 42 -39.51 11.44 10.51
N MET B 43 -38.65 11.28 9.52
CA MET B 43 -37.42 10.53 9.72
C MET B 43 -36.41 11.38 10.52
N LYS B 44 -36.43 12.71 10.32
CA LYS B 44 -35.63 13.62 11.14
C LYS B 44 -35.93 13.42 12.64
N LYS B 45 -37.22 13.45 13.03
CA LYS B 45 -37.66 13.20 14.42
C LYS B 45 -37.17 11.84 14.92
N VAL B 46 -37.39 10.81 14.11
CA VAL B 46 -36.96 9.45 14.44
C VAL B 46 -35.47 9.41 14.73
N LEU B 47 -34.68 10.02 13.85
CA LEU B 47 -33.23 10.04 13.99
C LEU B 47 -32.76 10.79 15.25
N GLU B 48 -33.38 11.92 15.54
CA GLU B 48 -33.10 12.63 16.79
C GLU B 48 -33.39 11.77 18.02
N SER B 49 -34.52 11.07 18.00
CA SER B 49 -34.89 10.18 19.10
C SER B 49 -33.89 9.04 19.28
N LEU B 50 -33.52 8.37 18.17
CA LEU B 50 -32.49 7.36 18.26
C LEU B 50 -31.17 7.94 18.78
N ARG B 51 -30.82 9.17 18.37
CA ARG B 51 -29.58 9.80 18.81
C ARG B 51 -29.47 10.01 20.34
N SER B 52 -30.58 10.31 21.00
CA SER B 52 -30.58 10.45 22.48
C SER B 52 -30.59 9.14 23.28
N LYS B 53 -30.94 8.02 22.66
N LYS B 53 -31.08 8.04 22.71
CA LYS B 53 -30.95 6.71 23.33
CA LYS B 53 -31.15 6.78 23.44
C LYS B 53 -29.54 6.09 23.45
C LYS B 53 -29.81 6.06 23.37
N GLN B 54 -29.38 5.20 24.43
N GLN B 54 -29.27 5.96 22.16
CA GLN B 54 -28.08 4.58 24.69
CA GLN B 54 -28.02 5.24 21.93
C GLN B 54 -28.00 3.13 24.25
C GLN B 54 -28.13 3.84 22.48
N GLY B 55 -27.40 2.91 23.08
N GLY B 55 -27.13 3.01 22.22
CA GLY B 55 -27.04 1.57 22.64
CA GLY B 55 -27.08 1.65 22.78
C GLY B 55 -28.19 0.79 22.04
C GLY B 55 -27.96 0.62 22.08
N ILE B 56 -28.81 -0.07 22.85
CA ILE B 56 -29.76 -1.05 22.33
C ILE B 56 -31.17 -0.46 22.43
N ILE B 57 -32.02 -0.75 21.45
CA ILE B 57 -33.43 -0.34 21.51
C ILE B 57 -34.31 -1.53 21.18
N SER B 58 -35.39 -1.69 21.94
CA SER B 58 -36.37 -2.73 21.67
C SER B 58 -37.01 -2.48 20.34
N GLU B 59 -37.08 -3.51 19.49
CA GLU B 59 -37.79 -3.38 18.20
C GLU B 59 -39.22 -2.87 18.35
N TYR B 60 -39.88 -3.17 19.47
N TYR B 60 -39.88 -3.16 19.47
CA TYR B 60 -41.19 -2.63 19.77
CA TYR B 60 -41.21 -2.61 19.74
C TYR B 60 -41.16 -1.09 19.84
C TYR B 60 -41.17 -1.08 19.84
N LEU B 61 -40.14 -0.54 20.49
CA LEU B 61 -39.96 0.93 20.58
C LEU B 61 -39.61 1.56 19.23
N LEU B 62 -38.72 0.94 18.48
CA LEU B 62 -38.40 1.38 17.12
C LEU B 62 -39.65 1.46 16.24
N ASP B 63 -40.42 0.37 16.24
CA ASP B 63 -41.70 0.31 15.50
C ASP B 63 -42.65 1.45 15.90
N LYS B 64 -42.77 1.67 17.21
CA LYS B 64 -43.60 2.75 17.76
C LYS B 64 -43.11 4.13 17.32
N LEU B 65 -41.80 4.33 17.41
CA LEU B 65 -41.18 5.58 16.94
C LEU B 65 -41.50 5.83 15.46
N LEU B 66 -41.38 4.78 14.64
CA LEU B 66 -41.70 4.86 13.21
C LEU B 66 -43.18 5.17 12.97
N ASP B 67 -44.07 4.46 13.68
CA ASP B 67 -45.52 4.69 13.59
C ASP B 67 -45.85 6.12 13.95
N GLU B 68 -45.25 6.64 15.03
CA GLU B 68 -45.53 8.01 15.46
C GLU B 68 -45.21 9.05 14.39
N SER B 69 -44.11 8.85 13.68
CA SER B 69 -43.74 9.71 12.55
C SER B 69 -44.35 9.30 11.20
N LEU B 70 -45.39 8.45 11.23
CA LEU B 70 -46.12 7.97 10.05
C LEU B 70 -45.25 7.36 8.93
N ILE B 71 -44.26 6.56 9.34
CA ILE B 71 -43.31 5.95 8.40
C ILE B 71 -43.53 4.46 8.39
N ASP B 72 -43.60 3.87 7.20
CA ASP B 72 -43.63 2.41 7.06
C ASP B 72 -42.46 1.79 7.80
N LYS B 73 -42.75 0.77 8.61
CA LYS B 73 -41.76 0.15 9.46
C LYS B 73 -40.63 -0.56 8.70
N ASP B 74 -40.97 -1.29 7.64
CA ASP B 74 -39.95 -2.01 6.85
C ASP B 74 -39.07 -1.02 6.05
N LYS B 75 -39.69 0.00 5.46
CA LYS B 75 -38.93 1.00 4.71
C LYS B 75 -38.06 1.84 5.65
N GLY B 76 -38.64 2.28 6.77
CA GLY B 76 -37.88 2.95 7.82
C GLY B 76 -36.70 2.14 8.32
N LYS B 77 -36.95 0.87 8.64
CA LYS B 77 -35.88 -0.01 9.17
C LYS B 77 -34.78 -0.26 8.13
N GLU B 78 -35.19 -0.59 6.91
CA GLU B 78 -34.27 -0.77 5.80
C GLU B 78 -33.31 0.43 5.62
N PHE B 79 -33.87 1.65 5.68
CA PHE B 79 -33.12 2.91 5.63
C PHE B 79 -32.12 3.03 6.76
N LEU B 80 -32.60 2.81 7.98
CA LEU B 80 -31.75 2.93 9.17
C LEU B 80 -30.60 1.93 9.15
N ILE B 81 -30.86 0.71 8.67
CA ILE B 81 -29.82 -0.31 8.58
C ILE B 81 -28.81 -0.01 7.44
N THR B 82 -29.30 0.22 6.23
CA THR B 82 -28.40 0.39 5.10
C THR B 82 -27.55 1.66 5.25
N THR B 83 -28.07 2.73 5.86
CA THR B 83 -27.30 3.96 6.06
C THR B 83 -26.30 3.90 7.21
N GLY B 84 -26.41 2.90 8.08
CA GLY B 84 -25.47 2.71 9.21
C GLY B 84 -25.90 3.33 10.55
N VAL B 85 -27.20 3.50 10.74
CA VAL B 85 -27.71 4.09 11.97
C VAL B 85 -27.91 2.99 13.00
N ILE B 86 -28.41 1.85 12.57
CA ILE B 86 -28.64 0.71 13.46
C ILE B 86 -28.20 -0.56 12.78
N ASN B 87 -28.11 -1.64 13.54
CA ASN B 87 -28.12 -2.96 12.94
C ASN B 87 -28.82 -3.96 13.83
N LYS B 88 -29.09 -5.11 13.26
CA LYS B 88 -29.88 -6.16 13.88
C LYS B 88 -28.91 -7.35 14.09
N THR B 89 -28.69 -7.79 15.33
CA THR B 89 -27.83 -8.95 15.62
C THR B 89 -28.67 -10.09 16.16
N LYS B 90 -28.34 -11.33 15.79
CA LYS B 90 -29.13 -12.51 16.14
C LYS B 90 -28.48 -13.43 17.16
N THR B 91 -27.19 -13.25 17.44
CA THR B 91 -26.42 -14.27 18.17
C THR B 91 -26.48 -14.14 19.69
N SER B 92 -26.78 -15.26 20.38
CA SER B 92 -26.60 -15.35 21.84
C SER B 92 -25.09 -15.36 22.17
N PRO B 93 -24.58 -14.33 22.88
CA PRO B 93 -23.13 -14.17 23.18
C PRO B 93 -22.63 -15.08 24.32
N LEU B 94 -21.31 -15.17 24.50
CA LEU B 94 -20.74 -16.24 25.35
C LEU B 94 -20.82 -15.93 26.84
N TRP B 95 -20.55 -14.66 27.17
CA TRP B 95 -20.64 -14.16 28.51
C TRP B 95 -21.85 -13.26 28.55
N VAL B 96 -22.78 -13.60 29.44
CA VAL B 96 -24.06 -12.89 29.56
C VAL B 96 -23.90 -11.50 30.22
N ASN B 97 -22.71 -11.23 30.76
CA ASN B 97 -22.50 -10.14 31.63
C ASN B 97 -21.01 -9.96 31.87
N SER B 98 -20.60 -8.72 32.13
CA SER B 98 -19.25 -8.41 32.55
C SER B 98 -19.23 -7.70 33.89
N VAL B 99 -18.17 -7.96 34.66
CA VAL B 99 -17.85 -7.20 35.87
C VAL B 99 -16.42 -6.69 35.76
N ILE B 100 -16.15 -5.51 36.31
CA ILE B 100 -14.81 -4.97 36.40
C ILE B 100 -14.42 -4.98 37.86
N ILE B 101 -13.37 -5.72 38.21
CA ILE B 101 -12.80 -5.71 39.56
C ILE B 101 -11.51 -4.91 39.53
N SER B 102 -11.31 -4.00 40.47
CA SER B 102 -10.16 -3.11 40.39
C SER B 102 -9.73 -2.56 41.72
N ASP B 103 -8.45 -2.24 41.82
CA ASP B 103 -7.92 -1.41 42.90
C ASP B 103 -8.19 0.06 42.68
N VAL B 104 -8.62 0.47 41.47
CA VAL B 104 -9.05 1.86 41.21
C VAL B 104 -10.48 1.94 40.70
N PRO B 105 -11.46 1.50 41.53
CA PRO B 105 -12.85 1.46 41.07
C PRO B 105 -13.44 2.81 40.70
N HIS B 106 -13.03 3.86 41.42
CA HIS B 106 -13.41 5.24 41.06
C HIS B 106 -13.20 5.60 39.58
N LEU B 107 -12.09 5.13 38.99
CA LEU B 107 -11.83 5.34 37.54
C LEU B 107 -12.97 4.84 36.65
N PHE B 108 -13.78 3.89 37.13
CA PHE B 108 -14.89 3.32 36.36
C PHE B 108 -16.24 3.79 36.86
N SER B 109 -16.27 4.85 37.64
CA SER B 109 -17.48 5.20 38.34
C SER B 109 -18.64 5.62 37.41
N ASN B 110 -18.34 6.04 36.18
CA ASN B 110 -19.39 6.30 35.20
C ASN B 110 -19.45 5.28 34.05
N ALA B 111 -18.64 4.23 34.15
CA ALA B 111 -18.43 3.32 33.03
C ALA B 111 -19.66 2.46 32.76
N ARG B 112 -20.36 2.01 33.80
CA ARG B 112 -21.55 1.19 33.59
C ARG B 112 -22.59 1.95 32.77
N GLU B 113 -22.76 3.23 33.04
CA GLU B 113 -23.78 4.01 32.34
C GLU B 113 -23.30 4.41 30.95
N GLN B 114 -22.10 4.99 30.86
CA GLN B 114 -21.54 5.46 29.58
C GLN B 114 -21.46 4.35 28.53
N TRP B 115 -20.96 3.19 28.93
CA TRP B 115 -20.59 2.16 27.96
C TRP B 115 -21.79 1.38 27.40
N LYS B 116 -22.95 1.58 27.99
CA LYS B 116 -24.21 1.06 27.41
C LYS B 116 -24.42 1.58 25.99
N CYS B 117 -23.98 2.82 25.72
CA CYS B 117 -24.13 3.36 24.37
C CYS B 117 -23.27 2.62 23.32
N ASP B 118 -22.24 1.91 23.80
CA ASP B 118 -21.40 1.03 22.99
C ASP B 118 -21.87 -0.41 23.07
N GLY B 119 -23.05 -0.64 23.65
CA GLY B 119 -23.62 -1.97 23.79
C GLY B 119 -22.94 -2.88 24.78
N VAL B 120 -22.18 -2.31 25.69
CA VAL B 120 -21.44 -3.06 26.69
C VAL B 120 -22.21 -3.08 28.03
N PHE B 121 -22.55 -4.28 28.50
CA PHE B 121 -23.26 -4.51 29.77
C PHE B 121 -22.22 -4.86 30.83
N VAL B 122 -21.91 -3.92 31.71
CA VAL B 122 -21.10 -4.17 32.91
C VAL B 122 -22.04 -4.02 34.08
N SER B 123 -22.30 -5.12 34.79
CA SER B 123 -23.28 -5.09 35.90
C SER B 123 -22.71 -4.45 37.17
N HIS B 124 -21.43 -4.65 37.46
CA HIS B 124 -20.85 -4.12 38.72
C HIS B 124 -19.42 -3.70 38.54
N ILE B 125 -19.06 -2.62 39.23
CA ILE B 125 -17.68 -2.24 39.42
C ILE B 125 -17.37 -2.68 40.85
N ILE B 126 -16.37 -3.55 41.00
CA ILE B 126 -16.05 -4.12 42.30
C ILE B 126 -14.67 -3.69 42.77
N ASP B 127 -14.61 -3.15 43.98
CA ASP B 127 -13.34 -2.82 44.62
C ASP B 127 -12.72 -4.12 45.09
N ILE B 128 -11.46 -4.32 44.73
CA ILE B 128 -10.69 -5.49 45.15
C ILE B 128 -10.63 -5.64 46.69
N LYS B 129 -10.68 -4.51 47.41
CA LYS B 129 -10.74 -4.52 48.89
C LYS B 129 -11.91 -5.28 49.54
N ASP B 130 -12.99 -5.48 48.79
CA ASP B 130 -14.19 -6.13 49.33
C ASP B 130 -14.00 -7.60 49.63
N ASN B 131 -14.44 -8.01 50.82
CA ASN B 131 -14.66 -9.43 51.16
C ASN B 131 -15.98 -9.87 50.49
N ASN B 132 -16.17 -11.18 50.35
CA ASN B 132 -17.44 -11.75 49.82
C ASN B 132 -17.81 -11.20 48.44
N ILE B 133 -16.80 -11.06 47.57
CA ILE B 133 -17.04 -10.70 46.17
C ILE B 133 -17.68 -11.93 45.56
N ASN B 134 -18.87 -11.79 44.99
CA ASN B 134 -19.55 -12.90 44.28
C ASN B 134 -19.69 -12.56 42.81
N VAL B 135 -19.73 -13.57 41.94
CA VAL B 135 -19.95 -13.42 40.51
C VAL B 135 -20.85 -14.55 39.94
N SER B 136 -21.77 -14.18 39.05
CA SER B 136 -22.68 -15.14 38.41
C SER B 136 -22.03 -16.01 37.34
N ASP B 137 -22.75 -17.06 36.93
CA ASP B 137 -22.36 -17.96 35.84
C ASP B 137 -22.25 -17.17 34.52
N SER B 138 -21.35 -17.64 33.65
CA SER B 138 -21.15 -17.09 32.33
C SER B 138 -20.88 -15.58 32.38
N THR B 139 -20.00 -15.19 33.30
CA THR B 139 -19.59 -13.79 33.46
C THR B 139 -18.11 -13.62 33.09
N LEU B 140 -17.84 -12.59 32.29
CA LEU B 140 -16.48 -12.17 31.98
C LEU B 140 -16.00 -11.25 33.09
N ILE B 141 -14.92 -11.65 33.78
CA ILE B 141 -14.34 -10.86 34.87
C ILE B 141 -13.13 -10.10 34.32
N TRP B 142 -13.23 -8.77 34.24
CA TRP B 142 -12.09 -7.93 33.93
C TRP B 142 -11.43 -7.45 35.23
N LEU B 143 -10.18 -7.87 35.44
CA LEU B 143 -9.41 -7.47 36.63
C LEU B 143 -8.36 -6.45 36.19
N HIS B 144 -8.55 -5.20 36.58
CA HIS B 144 -7.66 -4.11 36.20
C HIS B 144 -6.94 -3.65 37.47
N LEU B 145 -5.61 -3.72 37.45
CA LEU B 145 -4.76 -3.28 38.54
C LEU B 145 -3.75 -2.20 38.15
N GLU B 146 -3.81 -1.03 38.80
CA GLU B 146 -2.67 -0.06 38.81
C GLU B 146 -1.52 -0.52 39.70
N ASN B 147 -1.82 -1.04 40.87
CA ASN B 147 -0.78 -1.52 41.77
C ASN B 147 -0.79 -3.05 41.73
N TYR B 148 0.00 -3.59 40.80
CA TYR B 148 0.04 -5.03 40.55
C TYR B 148 0.63 -5.81 41.71
N HIS B 149 -0.02 -6.91 42.05
CA HIS B 149 0.61 -7.95 42.82
C HIS B 149 0.01 -9.25 42.37
N SER B 150 0.85 -10.26 42.18
CA SER B 150 0.41 -11.57 41.67
C SER B 150 -0.57 -12.29 42.60
N ASP B 151 -0.39 -12.15 43.91
CA ASP B 151 -1.39 -12.61 44.89
C ASP B 151 -2.82 -12.12 44.62
N ILE B 152 -2.98 -10.91 44.09
CA ILE B 152 -4.32 -10.41 43.76
C ILE B 152 -4.95 -11.26 42.67
N VAL B 153 -4.18 -11.53 41.62
CA VAL B 153 -4.68 -12.35 40.50
C VAL B 153 -4.98 -13.79 41.00
N LYS B 154 -4.08 -14.32 41.82
CA LYS B 154 -4.23 -15.68 42.34
C LYS B 154 -5.50 -15.82 43.16
N ARG B 155 -5.78 -14.83 43.99
CA ARG B 155 -7.00 -14.78 44.78
C ARG B 155 -8.25 -14.81 43.88
N ILE B 156 -8.27 -13.99 42.85
CA ILE B 156 -9.42 -13.95 41.95
C ILE B 156 -9.63 -15.30 41.21
N TYR B 157 -8.57 -15.89 40.72
CA TYR B 157 -8.65 -17.21 40.07
C TYR B 157 -9.17 -18.27 41.06
N SER B 158 -8.61 -18.24 42.26
CA SER B 158 -8.97 -19.18 43.30
C SER B 158 -10.46 -19.11 43.63
N LYS B 159 -11.01 -17.90 43.71
CA LYS B 159 -12.45 -17.73 43.94
C LYS B 159 -13.29 -18.18 42.75
N PHE B 160 -12.91 -17.77 41.53
CA PHE B 160 -13.85 -17.82 40.39
C PHE B 160 -13.55 -18.76 39.22
N GLU B 161 -12.39 -19.42 39.21
CA GLU B 161 -12.06 -20.39 38.13
C GLU B 161 -13.13 -21.47 37.91
N SER B 162 -13.73 -21.93 39.00
CA SER B 162 -14.74 -22.97 38.91
C SER B 162 -16.15 -22.50 38.51
N ASN B 163 -16.37 -21.18 38.45
CA ASN B 163 -17.70 -20.67 38.07
C ASN B 163 -18.01 -21.19 36.67
N PRO B 164 -19.17 -21.84 36.51
CA PRO B 164 -19.58 -22.27 35.18
C PRO B 164 -19.57 -21.12 34.18
N GLY B 165 -18.96 -21.36 33.03
CA GLY B 165 -18.89 -20.41 31.93
C GLY B 165 -18.05 -19.17 32.11
N VAL B 166 -17.24 -19.12 33.16
CA VAL B 166 -16.49 -17.92 33.48
C VAL B 166 -15.37 -17.68 32.45
N ALA B 167 -14.95 -16.43 32.33
CA ALA B 167 -13.70 -16.08 31.63
C ALA B 167 -13.12 -14.87 32.35
N PHE B 168 -11.82 -14.64 32.17
CA PHE B 168 -11.15 -13.51 32.77
C PHE B 168 -10.38 -12.71 31.70
N ILE B 169 -10.28 -11.41 31.93
CA ILE B 169 -9.25 -10.59 31.29
C ILE B 169 -8.52 -9.89 32.42
N GLN B 170 -7.20 -9.75 32.29
CA GLN B 170 -6.40 -9.01 33.25
C GLN B 170 -5.70 -7.87 32.54
N SER B 171 -5.72 -6.70 33.16
CA SER B 171 -5.02 -5.53 32.64
C SER B 171 -4.22 -4.88 33.77
N TYR B 172 -3.04 -4.37 33.41
CA TYR B 172 -2.00 -3.95 34.37
C TYR B 172 -0.88 -3.27 33.60
N TYR B 173 0.08 -2.70 34.33
CA TYR B 173 1.13 -1.88 33.73
C TYR B 173 2.46 -2.52 33.92
N LEU B 174 3.31 -2.45 32.90
CA LEU B 174 4.67 -3.00 32.96
C LEU B 174 5.58 -2.08 32.19
N LYS B 175 6.53 -1.49 32.89
CA LYS B 175 7.47 -0.51 32.36
C LYS B 175 6.70 0.66 31.75
N GLU B 176 6.78 0.87 30.45
CA GLU B 176 6.05 1.97 29.82
C GLU B 176 4.84 1.46 29.06
N SER B 177 4.41 0.23 29.34
CA SER B 177 3.31 -0.38 28.62
C SER B 177 2.06 -0.61 29.46
N PHE B 178 0.91 -0.53 28.81
CA PHE B 178 -0.32 -1.03 29.35
C PHE B 178 -0.58 -2.38 28.71
N ARG B 179 -0.83 -3.39 29.53
CA ARG B 179 -1.05 -4.76 29.08
C ARG B 179 -2.47 -5.23 29.32
N ILE B 180 -3.09 -5.77 28.27
CA ILE B 180 -4.36 -6.46 28.40
C ILE B 180 -4.08 -7.89 27.98
N ASP B 181 -4.20 -8.82 28.93
CA ASP B 181 -3.99 -10.22 28.60
C ASP B 181 -5.06 -10.69 27.63
N GLY B 182 -4.76 -11.71 26.86
CA GLY B 182 -5.80 -12.48 26.21
C GLY B 182 -6.84 -13.03 27.20
N VAL B 183 -7.93 -13.50 26.63
CA VAL B 183 -9.04 -13.98 27.40
C VAL B 183 -8.65 -15.34 27.97
N TYR B 184 -8.74 -15.44 29.29
CA TYR B 184 -8.51 -16.69 29.99
C TYR B 184 -9.86 -17.34 30.24
N SER B 185 -10.12 -18.44 29.52
CA SER B 185 -11.37 -19.18 29.62
C SER B 185 -11.04 -20.64 29.87
N PRO B 186 -11.25 -21.13 31.10
CA PRO B 186 -11.05 -22.55 31.39
C PRO B 186 -11.82 -23.47 30.45
N ASP B 187 -13.09 -23.16 30.17
CA ASP B 187 -13.87 -23.91 29.17
C ASP B 187 -13.13 -24.06 27.84
N LEU B 188 -12.55 -22.96 27.34
CA LEU B 188 -11.88 -22.95 26.02
C LEU B 188 -10.38 -23.36 26.01
N GLY B 189 -9.80 -23.50 27.19
CA GLY B 189 -8.41 -23.94 27.36
C GLY B 189 -7.34 -22.88 27.08
N THR B 190 -7.67 -21.59 27.18
CA THR B 190 -6.75 -20.54 26.77
C THR B 190 -5.80 -20.13 27.90
N PRO B 191 -4.63 -19.57 27.54
CA PRO B 191 -3.65 -19.23 28.54
C PRO B 191 -4.08 -18.22 29.56
N CYS B 192 -3.62 -18.41 30.80
CA CYS B 192 -4.00 -17.54 31.90
C CYS B 192 -3.10 -16.30 31.99
N HIS B 193 -3.34 -15.44 32.97
CA HIS B 193 -2.49 -14.30 33.25
C HIS B 193 -1.03 -14.66 33.42
N PHE B 194 -0.77 -15.74 34.16
CA PHE B 194 0.62 -16.07 34.45
C PHE B 194 1.35 -16.54 33.20
N CYS B 195 0.62 -17.11 32.26
CA CYS B 195 1.20 -17.47 30.98
C CYS B 195 1.64 -16.21 30.24
N HIS B 196 0.89 -15.11 30.40
CA HIS B 196 1.21 -13.85 29.77
C HIS B 196 2.38 -13.15 30.41
N ILE B 197 2.31 -12.95 31.72
CA ILE B 197 3.33 -12.13 32.40
C ILE B 197 4.73 -12.74 32.33
N GLU B 198 4.78 -14.06 32.28
CA GLU B 198 6.03 -14.75 32.04
C GLU B 198 6.53 -14.51 30.63
N ARG B 199 5.66 -14.52 29.61
CA ARG B 199 6.09 -14.18 28.26
C ARG B 199 6.76 -12.77 28.26
N TRP B 200 6.11 -11.77 28.87
CA TRP B 200 6.64 -10.40 28.86
C TRP B 200 7.89 -10.26 29.75
N LEU B 201 7.90 -10.87 30.94
CA LEU B 201 9.09 -10.75 31.81
C LEU B 201 10.36 -11.36 31.23
N SER B 202 10.22 -12.44 30.46
CA SER B 202 11.36 -13.05 29.80
C SER B 202 11.81 -12.23 28.59
N ARG B 203 10.87 -11.80 27.73
CA ARG B 203 11.17 -10.86 26.62
C ARG B 203 11.91 -9.58 27.09
N GLU B 204 11.59 -9.09 28.28
CA GLU B 204 12.27 -7.89 28.84
C GLU B 204 13.72 -8.13 29.31
N GLU B 205 14.06 -9.35 29.72
CA GLU B 205 15.46 -9.66 30.06
C GLU B 205 16.35 -9.41 28.83
N LYS B 206 17.48 -8.72 29.02
CA LYS B 206 18.38 -8.35 27.90
C LYS B 206 19.42 -9.46 27.68
N SER B 207 18.93 -10.67 27.41
CA SER B 207 19.74 -11.85 27.15
C SER B 207 19.41 -12.50 25.78
N PHE B 208 18.85 -11.70 24.86
CA PHE B 208 18.72 -12.05 23.41
C PHE B 208 18.18 -13.46 23.06
N ARG B 209 17.49 -14.10 24.01
CA ARG B 209 17.01 -15.47 23.88
C ARG B 209 15.50 -15.47 24.12
N ARG B 210 14.78 -16.19 23.25
CA ARG B 210 13.39 -16.52 23.51
C ARG B 210 13.25 -17.44 24.74
N ASN B 211 14.05 -18.51 24.78
CA ASN B 211 14.05 -19.41 25.94
C ASN B 211 14.47 -18.71 27.24
N GLU B 212 13.51 -18.62 28.16
CA GLU B 212 13.70 -17.97 29.46
C GLU B 212 14.49 -18.82 30.49
N MET B 213 14.68 -20.13 30.23
CA MET B 213 15.14 -21.07 31.28
C MET B 213 16.66 -21.25 31.36
N SER B 214 17.16 -21.09 32.57
CA SER B 214 18.56 -21.28 32.96
C SER B 214 18.55 -21.64 34.46
N TRP B 215 19.69 -22.09 34.97
CA TRP B 215 19.79 -22.35 36.43
C TRP B 215 19.46 -21.12 37.27
N ALA B 216 19.74 -19.91 36.77
CA ALA B 216 19.33 -18.71 37.48
C ALA B 216 17.81 -18.65 37.65
N ASN B 217 17.06 -18.99 36.61
CA ASN B 217 15.61 -19.05 36.72
C ASN B 217 15.11 -20.22 37.54
N LEU B 218 15.77 -21.39 37.47
CA LEU B 218 15.33 -22.54 38.24
C LEU B 218 15.41 -22.30 39.76
N LEU B 219 16.51 -21.71 40.23
CA LEU B 219 16.69 -21.41 41.66
C LEU B 219 15.66 -20.41 42.16
N GLN B 220 15.27 -19.45 41.32
CA GLN B 220 14.21 -18.50 41.66
C GLN B 220 12.83 -19.17 41.78
N LEU B 221 12.55 -20.18 40.95
CA LEU B 221 11.30 -20.95 41.04
C LEU B 221 11.17 -21.80 42.33
N LEU B 222 12.26 -21.98 43.06
CA LEU B 222 12.17 -22.60 44.39
C LEU B 222 11.41 -21.76 45.40
N LYS B 223 11.50 -20.44 45.28
CA LYS B 223 10.84 -19.53 46.22
C LYS B 223 9.37 -19.40 45.91
N LYS B 224 8.61 -18.96 46.90
CA LYS B 224 7.18 -18.72 46.73
C LYS B 224 6.99 -17.79 45.54
N TYR B 225 6.24 -18.24 44.52
CA TYR B 225 5.91 -17.41 43.36
C TYR B 225 5.16 -16.20 43.83
N GLN B 226 5.80 -15.04 43.77
CA GLN B 226 5.11 -13.79 44.04
C GLN B 226 5.91 -12.63 43.48
N MET B 227 5.18 -11.57 43.12
CA MET B 227 5.82 -10.40 42.53
C MET B 227 4.93 -9.19 42.28
N THR B 228 5.62 -8.05 42.26
CA THR B 228 5.11 -6.79 41.81
C THR B 228 5.81 -6.49 40.48
N LEU B 229 5.39 -5.45 39.79
CA LEU B 229 5.98 -5.09 38.49
C LEU B 229 6.43 -3.64 38.49
N PRO B 230 7.63 -3.36 37.92
CA PRO B 230 8.00 -1.96 37.73
C PRO B 230 7.19 -1.34 36.58
N ALA B 231 6.81 -0.06 36.74
CA ALA B 231 6.12 0.72 35.70
C ALA B 231 6.23 2.23 35.96
N LEU B 232 5.91 2.99 34.93
CA LEU B 232 5.95 4.46 35.04
C LEU B 232 4.76 4.95 35.82
N ALA B 233 4.92 6.10 36.45
CA ALA B 233 3.83 6.77 37.14
C ALA B 233 2.73 7.11 36.11
N LEU B 234 1.49 6.87 36.49
CA LEU B 234 0.34 7.17 35.68
C LEU B 234 -0.13 8.57 35.97
N GLY B 235 -0.46 9.30 34.91
CA GLY B 235 -1.17 10.58 34.99
C GLY B 235 -2.57 10.32 34.46
N GLU B 236 -3.39 11.38 34.44
CA GLU B 236 -4.78 11.31 33.95
C GLU B 236 -4.86 10.87 32.49
N SER B 237 -3.94 11.34 31.64
CA SER B 237 -3.98 10.98 30.20
C SER B 237 -3.72 9.49 30.01
N GLU B 238 -2.72 8.95 30.69
CA GLU B 238 -2.48 7.50 30.65
C GLU B 238 -3.74 6.70 31.06
N ARG B 239 -4.37 7.14 32.14
CA ARG B 239 -5.62 6.50 32.59
C ARG B 239 -6.75 6.61 31.58
N GLY B 240 -6.90 7.78 30.95
CA GLY B 240 -7.94 7.98 29.93
C GLY B 240 -7.74 7.11 28.71
N PHE B 241 -6.49 7.02 28.28
CA PHE B 241 -6.07 6.13 27.19
C PHE B 241 -6.41 4.68 27.54
N SER B 242 -6.05 4.27 28.76
CA SER B 242 -6.35 2.91 29.26
C SER B 242 -7.85 2.60 29.31
N TYR B 243 -8.61 3.59 29.76
CA TYR B 243 -10.05 3.53 29.85
C TYR B 243 -10.69 3.25 28.48
N HIS B 244 -10.22 3.94 27.44
CA HIS B 244 -10.72 3.72 26.09
C HIS B 244 -10.37 2.32 25.55
N LEU B 245 -9.16 1.86 25.80
CA LEU B 245 -8.73 0.52 25.35
C LEU B 245 -9.55 -0.58 26.02
N ILE B 246 -9.81 -0.42 27.31
CA ILE B 246 -10.69 -1.35 28.05
C ILE B 246 -12.10 -1.34 27.42
N LYS B 247 -12.67 -0.15 27.21
CA LYS B 247 -14.02 -0.08 26.62
C LYS B 247 -14.09 -0.81 25.28
N ARG B 248 -13.15 -0.47 24.41
CA ARG B 248 -13.12 -1.03 23.06
C ARG B 248 -12.94 -2.53 23.01
N ARG B 249 -12.09 -3.01 23.91
CA ARG B 249 -11.84 -4.46 24.03
C ARG B 249 -13.06 -5.21 24.51
N LEU B 250 -13.71 -4.67 25.54
CA LEU B 250 -15.00 -5.21 26.00
C LEU B 250 -16.06 -5.14 24.92
N GLN B 251 -16.11 -4.01 24.22
CA GLN B 251 -17.01 -3.88 23.06
C GLN B 251 -16.76 -4.95 22.00
N GLU B 252 -15.49 -5.24 21.69
CA GLU B 252 -15.18 -6.28 20.71
C GLU B 252 -15.78 -7.64 21.13
N LEU B 253 -15.60 -7.95 22.41
CA LEU B 253 -15.96 -9.25 22.95
C LEU B 253 -17.45 -9.42 23.22
N THR B 254 -18.07 -8.40 23.78
CA THR B 254 -19.43 -8.50 24.32
C THR B 254 -20.40 -7.39 23.91
N GLY B 255 -19.91 -6.34 23.25
CA GLY B 255 -20.70 -5.15 22.98
C GLY B 255 -21.14 -5.04 21.52
N THR B 256 -21.49 -3.83 21.10
CA THR B 256 -21.84 -3.59 19.70
C THR B 256 -20.58 -3.64 18.81
N SER B 257 -20.50 -4.66 17.98
CA SER B 257 -19.36 -4.86 17.09
C SER B 257 -19.44 -3.82 16.00
N LEU B 258 -18.40 -3.01 15.90
CA LEU B 258 -18.27 -2.04 14.80
C LEU B 258 -17.33 -2.51 13.68
N VAL B 259 -16.23 -3.17 14.07
CA VAL B 259 -15.26 -3.75 13.15
C VAL B 259 -15.03 -5.17 13.64
N LYS B 260 -15.23 -6.15 12.78
CA LYS B 260 -14.99 -7.55 13.10
C LYS B 260 -13.50 -7.90 13.19
N SER B 261 -13.14 -8.73 14.17
CA SER B 261 -11.75 -9.20 14.31
C SER B 261 -11.60 -10.53 13.62
N HIS B 262 -10.45 -10.80 13.02
CA HIS B 262 -10.20 -12.13 12.46
C HIS B 262 -10.20 -13.19 13.56
N VAL B 263 -10.68 -14.39 13.25
CA VAL B 263 -10.74 -15.46 14.24
C VAL B 263 -9.37 -15.83 14.86
N ASP B 264 -8.27 -15.55 14.16
CA ASP B 264 -6.91 -15.88 14.65
C ASP B 264 -6.27 -14.95 15.69
N ASN B 265 -6.91 -13.81 15.96
N ASN B 265 -6.88 -13.82 16.01
CA ASN B 265 -6.43 -12.82 16.92
CA ASN B 265 -6.40 -12.97 17.10
C ASN B 265 -7.48 -12.36 17.95
C ASN B 265 -7.48 -12.33 17.95
N PHE B 266 -8.72 -12.83 17.83
CA PHE B 266 -9.87 -12.33 18.62
C PHE B 266 -9.74 -12.45 20.13
N MET B 267 -9.18 -13.55 20.62
N MET B 267 -9.17 -13.55 20.60
CA MET B 267 -9.00 -13.77 22.04
CA MET B 267 -8.97 -13.81 22.02
C MET B 267 -7.63 -13.35 22.56
C MET B 267 -7.64 -13.31 22.56
N SER B 268 -6.79 -12.78 21.68
CA SER B 268 -5.37 -12.58 22.02
C SER B 268 -5.12 -11.33 22.85
N SER B 269 -3.94 -11.30 23.43
CA SER B 269 -3.50 -10.15 24.22
C SER B 269 -3.37 -8.89 23.37
N VAL B 270 -3.45 -7.73 24.03
CA VAL B 270 -3.24 -6.41 23.43
C VAL B 270 -2.34 -5.64 24.37
N SER B 271 -1.21 -5.15 23.86
CA SER B 271 -0.24 -4.36 24.61
C SER B 271 -0.19 -2.98 23.96
N ALA B 272 -0.12 -1.94 24.79
CA ALA B 272 0.02 -0.59 24.31
C ALA B 272 1.22 0.09 24.95
N ASP B 273 2.11 0.63 24.14
CA ASP B 273 3.17 1.49 24.60
C ASP B 273 2.55 2.85 24.92
N LEU B 274 2.68 3.30 26.16
CA LEU B 274 2.06 4.56 26.57
C LEU B 274 2.80 5.80 26.07
N ILE B 275 4.03 5.63 25.59
CA ILE B 275 4.79 6.76 25.05
C ILE B 275 4.41 7.01 23.58
N THR B 276 4.58 5.97 22.75
CA THR B 276 4.28 6.06 21.32
C THR B 276 2.81 5.85 20.99
N CYS B 277 2.02 5.33 21.91
CA CYS B 277 0.62 4.97 21.67
C CYS B 277 0.39 3.86 20.61
N ILE B 278 1.43 3.08 20.30
CA ILE B 278 1.32 1.98 19.39
C ILE B 278 0.84 0.72 20.11
N LEU B 279 -0.11 0.01 19.48
CA LEU B 279 -0.70 -1.24 19.97
C LEU B 279 -0.07 -2.44 19.33
N CYS B 280 0.08 -3.54 20.08
N CYS B 280 0.02 -3.54 20.09
CA CYS B 280 0.57 -4.83 19.55
CA CYS B 280 0.53 -4.82 19.62
C CYS B 280 -0.36 -5.93 20.07
C CYS B 280 -0.40 -5.91 20.09
N LYS B 281 -1.02 -6.61 19.13
CA LYS B 281 -1.92 -7.71 19.39
C LYS B 281 -1.10 -8.99 19.13
N GLU B 282 -1.07 -9.91 20.10
CA GLU B 282 -0.20 -11.08 20.05
C GLU B 282 -0.78 -12.27 20.84
N PRO B 283 -0.88 -13.45 20.21
CA PRO B 283 -1.29 -14.63 20.95
C PRO B 283 -0.11 -15.22 21.71
N VAL B 284 -0.33 -15.50 22.99
CA VAL B 284 0.69 -16.04 23.84
C VAL B 284 0.47 -17.55 23.98
N ILE B 285 1.56 -18.32 24.07
CA ILE B 285 1.49 -19.74 24.37
C ILE B 285 1.29 -19.99 25.87
N HIS B 286 0.81 -21.19 26.19
CA HIS B 286 0.86 -21.67 27.58
C HIS B 286 2.31 -21.75 28.03
N TRP B 287 2.62 -21.07 29.13
CA TRP B 287 3.89 -21.19 29.80
C TRP B 287 4.11 -22.60 30.36
N GLN B 288 5.29 -23.14 30.07
CA GLN B 288 5.59 -24.50 30.41
C GLN B 288 5.43 -24.80 31.91
N ALA B 289 5.79 -23.85 32.77
CA ALA B 289 5.80 -24.06 34.21
C ALA B 289 4.50 -23.65 34.89
N CYS B 290 3.47 -23.31 34.12
CA CYS B 290 2.17 -22.92 34.63
C CYS B 290 1.27 -24.12 34.62
N SER B 291 0.41 -24.21 35.61
CA SER B 291 -0.53 -25.32 35.68
C SER B 291 -1.98 -24.92 35.42
N CYS B 292 -2.21 -23.78 34.75
CA CYS B 292 -3.58 -23.39 34.42
C CYS B 292 -4.32 -24.44 33.62
N LEU B 293 -3.64 -25.11 32.69
CA LEU B 293 -4.34 -26.09 31.86
C LEU B 293 -4.52 -27.47 32.55
N GLU B 294 -3.87 -27.65 33.71
CA GLU B 294 -4.06 -28.84 34.54
C GLU B 294 -5.32 -28.72 35.40
N ARG B 295 -5.78 -27.50 35.68
CA ARG B 295 -6.95 -27.31 36.55
C ARG B 295 -8.25 -27.73 35.83
N MET C 12 22.66 26.79 13.03
CA MET C 12 23.34 27.36 11.84
C MET C 12 22.31 27.73 10.74
N ILE C 13 22.73 27.63 9.48
CA ILE C 13 21.87 27.87 8.33
C ILE C 13 21.38 26.51 7.80
N ASN C 14 20.07 26.35 7.66
CA ASN C 14 19.55 25.22 6.87
C ASN C 14 19.55 25.66 5.39
N ILE C 15 20.16 24.85 4.52
CA ILE C 15 20.05 25.02 3.07
C ILE C 15 18.84 24.21 2.62
N LEU C 16 17.84 24.89 2.06
CA LEU C 16 16.66 24.21 1.54
C LEU C 16 16.94 23.48 0.20
N PRO C 17 16.09 22.50 -0.16
CA PRO C 17 16.24 21.96 -1.52
C PRO C 17 15.90 22.99 -2.61
N PHE C 18 16.74 23.02 -3.63
CA PHE C 18 16.51 23.85 -4.81
C PHE C 18 17.25 23.26 -6.00
N GLU C 19 16.99 23.85 -7.17
CA GLU C 19 17.67 23.48 -8.41
C GLU C 19 18.17 24.72 -9.16
N ILE C 20 19.30 24.55 -9.84
CA ILE C 20 19.74 25.51 -10.85
C ILE C 20 19.90 24.76 -12.17
N ILE C 21 19.38 25.36 -13.22
CA ILE C 21 19.53 24.81 -14.57
C ILE C 21 20.30 25.86 -15.37
N SER C 22 21.38 25.43 -16.04
CA SER C 22 22.25 26.35 -16.77
C SER C 22 22.27 25.97 -18.24
N ARG C 23 22.20 26.98 -19.09
CA ARG C 23 22.21 26.79 -20.54
C ARG C 23 22.95 27.97 -21.16
N ASN C 24 24.02 27.67 -21.88
CA ASN C 24 24.96 28.69 -22.34
C ASN C 24 25.40 29.49 -21.09
N THR C 25 25.30 30.83 -21.14
CA THR C 25 25.57 31.68 -19.98
C THR C 25 24.34 31.95 -19.10
N LYS C 26 23.19 31.38 -19.46
CA LYS C 26 21.95 31.61 -18.74
C LYS C 26 21.79 30.58 -17.61
N THR C 27 21.29 31.04 -16.46
CA THR C 27 21.05 30.20 -15.28
C THR C 27 19.68 30.54 -14.66
N LEU C 28 18.85 29.53 -14.42
CA LEU C 28 17.57 29.68 -13.78
C LEU C 28 17.58 28.93 -12.43
N LEU C 29 17.17 29.65 -11.38
CA LEU C 29 17.09 29.17 -10.00
C LEU C 29 15.64 28.86 -9.71
N ILE C 30 15.36 27.65 -9.23
CA ILE C 30 14.02 27.33 -8.76
C ILE C 30 14.04 26.73 -7.35
N THR C 31 13.41 27.43 -6.41
CA THR C 31 13.27 27.01 -5.05
C THR C 31 11.85 26.49 -4.91
N TYR C 32 11.49 26.14 -3.68
CA TYR C 32 10.14 25.72 -3.39
C TYR C 32 9.08 26.83 -3.54
N ILE C 33 9.49 28.11 -3.50
CA ILE C 33 8.57 29.26 -3.63
C ILE C 33 8.90 30.27 -4.75
N SER C 34 10.04 30.12 -5.45
CA SER C 34 10.50 31.14 -6.40
C SER C 34 11.12 30.55 -7.68
N SER C 35 11.14 31.38 -8.72
CA SER C 35 11.79 31.10 -10.00
C SER C 35 12.51 32.37 -10.39
N VAL C 36 13.85 32.34 -10.42
CA VAL C 36 14.62 33.56 -10.51
C VAL C 36 15.73 33.42 -11.53
N ASP C 37 15.79 34.37 -12.46
CA ASP C 37 16.89 34.46 -13.43
C ASP C 37 18.11 34.95 -12.65
N ILE C 38 19.22 34.23 -12.79
CA ILE C 38 20.44 34.54 -12.07
C ILE C 38 21.39 35.03 -13.15
N THR C 39 21.74 36.31 -13.10
CA THR C 39 22.63 36.90 -14.09
C THR C 39 23.91 37.49 -13.49
N HIS C 40 24.13 37.33 -12.18
CA HIS C 40 25.42 37.68 -11.60
C HIS C 40 26.21 36.39 -11.46
N GLU C 41 27.45 36.39 -11.96
CA GLU C 41 28.37 35.25 -11.87
C GLU C 41 28.66 34.82 -10.43
N GLY C 42 28.79 35.82 -9.56
CA GLY C 42 28.99 35.60 -8.13
C GLY C 42 27.90 34.78 -7.50
N MET C 43 26.65 35.15 -7.76
CA MET C 43 25.50 34.45 -7.17
C MET C 43 25.36 33.07 -7.81
N LYS C 44 25.74 32.92 -9.08
CA LYS C 44 25.84 31.61 -9.72
C LYS C 44 26.77 30.68 -8.92
N LYS C 45 27.95 31.20 -8.57
CA LYS C 45 28.95 30.44 -7.81
C LYS C 45 28.51 30.19 -6.35
N VAL C 46 27.77 31.14 -5.75
CA VAL C 46 27.22 30.97 -4.39
C VAL C 46 26.18 29.86 -4.41
N LEU C 47 25.29 29.93 -5.40
CA LEU C 47 24.24 28.94 -5.56
C LEU C 47 24.82 27.56 -5.93
N GLU C 48 25.82 27.54 -6.80
CA GLU C 48 26.42 26.28 -7.28
C GLU C 48 27.03 25.52 -6.12
N SER C 49 27.73 26.27 -5.27
CA SER C 49 28.36 25.74 -4.07
C SER C 49 27.33 25.21 -3.06
N LEU C 50 26.27 25.98 -2.80
CA LEU C 50 25.23 25.57 -1.82
C LEU C 50 24.48 24.32 -2.26
N ARG C 51 24.30 24.18 -3.58
CA ARG C 51 23.68 22.99 -4.20
C ARG C 51 24.35 21.70 -3.76
N SER C 52 25.69 21.70 -3.75
CA SER C 52 26.45 20.49 -3.40
C SER C 52 26.90 20.44 -1.92
N LYS C 53 26.20 21.18 -1.03
CA LYS C 53 26.56 21.24 0.40
C LYS C 53 25.67 20.40 1.32
N GLN C 54 24.68 19.71 0.76
CA GLN C 54 23.96 18.65 1.49
C GLN C 54 23.06 19.09 2.66
N GLY C 55 22.72 20.39 2.78
CA GLY C 55 21.74 20.85 3.79
C GLY C 55 22.21 21.71 4.96
N ILE C 56 23.39 21.42 5.50
CA ILE C 56 23.95 22.17 6.64
C ILE C 56 25.04 23.10 6.13
N ILE C 57 25.12 24.29 6.71
CA ILE C 57 26.29 25.18 6.53
C ILE C 57 26.33 26.19 7.68
N SER C 58 27.53 26.49 8.14
CA SER C 58 27.72 27.45 9.23
C SER C 58 27.69 28.88 8.69
N GLU C 59 27.26 29.81 9.54
CA GLU C 59 27.34 31.25 9.28
C GLU C 59 28.69 31.65 8.70
N TYR C 60 29.77 31.16 9.33
CA TYR C 60 31.14 31.44 8.92
C TYR C 60 31.43 31.02 7.47
N LEU C 61 30.97 29.84 7.09
CA LEU C 61 31.18 29.32 5.72
C LEU C 61 30.36 30.09 4.68
N LEU C 62 29.07 30.32 4.96
CA LEU C 62 28.20 31.18 4.12
C LEU C 62 28.82 32.59 3.87
N ASP C 63 29.27 33.23 4.96
CA ASP C 63 29.95 34.53 4.89
C ASP C 63 31.24 34.46 4.08
N LYS C 64 32.00 33.38 4.24
CA LYS C 64 33.21 33.15 3.42
C LYS C 64 32.84 32.99 1.94
N LEU C 65 31.85 32.15 1.67
CA LEU C 65 31.34 31.90 0.32
C LEU C 65 30.82 33.18 -0.37
N LEU C 66 30.09 33.99 0.39
CA LEU C 66 29.59 35.26 -0.12
C LEU C 66 30.70 36.25 -0.39
N ASP C 67 31.58 36.47 0.59
CA ASP C 67 32.74 37.39 0.44
C ASP C 67 33.60 37.04 -0.79
N GLU C 68 33.82 35.74 -1.00
CA GLU C 68 34.60 35.25 -2.13
C GLU C 68 33.94 35.50 -3.48
N SER C 69 32.61 35.39 -3.53
CA SER C 69 31.87 35.65 -4.76
C SER C 69 31.53 37.13 -5.02
N LEU C 70 32.14 38.05 -4.26
CA LEU C 70 31.94 39.49 -4.42
C LEU C 70 30.46 39.92 -4.27
N ILE C 71 29.79 39.35 -3.26
CA ILE C 71 28.38 39.62 -2.97
C ILE C 71 28.28 40.18 -1.56
N ASP C 72 27.80 41.42 -1.43
CA ASP C 72 27.46 41.98 -0.13
C ASP C 72 26.73 40.95 0.76
N LYS C 73 27.32 40.69 1.94
CA LYS C 73 26.83 39.67 2.88
C LYS C 73 25.34 39.83 3.27
N ASP C 74 24.92 41.07 3.51
CA ASP C 74 23.53 41.37 3.96
C ASP C 74 22.50 41.20 2.83
N LYS C 75 22.76 41.84 1.69
CA LYS C 75 21.91 41.75 0.50
C LYS C 75 21.84 40.32 -0.03
N GLY C 76 22.98 39.65 0.02
CA GLY C 76 23.11 38.25 -0.37
C GLY C 76 22.27 37.33 0.51
N LYS C 77 22.46 37.41 1.82
CA LYS C 77 21.66 36.60 2.76
C LYS C 77 20.16 36.89 2.64
N GLU C 78 19.79 38.18 2.55
CA GLU C 78 18.37 38.56 2.40
C GLU C 78 17.75 37.95 1.16
N PHE C 79 18.47 38.01 0.03
CA PHE C 79 18.03 37.33 -1.18
C PHE C 79 17.86 35.83 -0.96
N LEU C 80 18.85 35.19 -0.34
CA LEU C 80 18.82 33.72 -0.13
C LEU C 80 17.68 33.31 0.79
N ILE C 81 17.42 34.10 1.84
CA ILE C 81 16.30 33.82 2.75
C ILE C 81 14.94 34.05 2.05
N THR C 82 14.78 35.22 1.43
CA THR C 82 13.52 35.63 0.75
C THR C 82 13.11 34.70 -0.37
N THR C 83 14.06 34.30 -1.21
CA THR C 83 13.78 33.38 -2.31
C THR C 83 13.69 31.91 -1.89
N GLY C 84 14.03 31.59 -0.64
CA GLY C 84 13.88 30.24 -0.13
C GLY C 84 15.01 29.29 -0.49
N VAL C 85 16.23 29.82 -0.57
CA VAL C 85 17.43 29.00 -0.69
C VAL C 85 17.90 28.55 0.71
N ILE C 86 17.80 29.44 1.69
CA ILE C 86 18.17 29.11 3.09
C ILE C 86 17.10 29.56 4.07
N ASN C 87 17.11 28.98 5.27
CA ASN C 87 16.44 29.55 6.45
C ASN C 87 17.39 29.53 7.66
N LYS C 88 17.15 30.40 8.66
CA LYS C 88 18.03 30.54 9.83
C LYS C 88 17.32 30.05 11.12
N THR C 89 17.06 28.75 11.22
CA THR C 89 16.40 28.15 12.40
C THR C 89 17.36 28.05 13.61
N LYS C 90 16.77 28.08 14.81
CA LYS C 90 17.53 28.10 16.07
C LYS C 90 18.22 26.75 16.34
N THR C 91 19.36 26.80 17.04
CA THR C 91 19.97 25.61 17.66
C THR C 91 19.10 25.12 18.85
N SER C 92 18.65 26.07 19.67
CA SER C 92 17.77 25.81 20.84
C SER C 92 16.34 25.49 20.38
N PRO C 93 15.46 25.01 21.31
CA PRO C 93 14.11 24.57 20.90
C PRO C 93 13.32 25.65 20.16
N LEU C 94 12.62 25.22 19.12
CA LEU C 94 11.86 26.11 18.26
C LEU C 94 10.75 26.83 18.99
N TRP C 95 10.08 26.14 19.91
CA TRP C 95 8.92 26.72 20.56
C TRP C 95 9.08 26.74 22.06
N VAL C 96 9.25 27.96 22.57
CA VAL C 96 9.29 28.30 23.99
C VAL C 96 8.12 27.57 24.66
N ASN C 97 6.91 27.98 24.32
CA ASN C 97 5.69 27.42 24.90
C ASN C 97 4.70 26.99 23.83
N SER C 98 3.61 26.42 24.28
CA SER C 98 2.53 26.02 23.45
C SER C 98 1.25 26.65 23.99
N VAL C 99 0.27 26.84 23.11
CA VAL C 99 -1.10 27.16 23.54
C VAL C 99 -2.06 26.20 22.82
N ILE C 100 -3.13 25.85 23.51
CA ILE C 100 -4.18 25.04 22.92
C ILE C 100 -5.38 25.98 22.72
N ILE C 101 -5.87 26.01 21.47
CA ILE C 101 -7.09 26.70 21.14
C ILE C 101 -8.08 25.62 20.72
N SER C 102 -9.28 25.70 21.26
CA SER C 102 -10.25 24.61 21.08
C SER C 102 -11.66 25.05 21.22
N ASP C 103 -12.56 24.35 20.54
CA ASP C 103 -14.01 24.46 20.82
C ASP C 103 -14.46 23.62 22.04
N VAL C 104 -13.54 22.83 22.63
CA VAL C 104 -13.86 22.12 23.88
C VAL C 104 -12.72 22.35 24.89
N PRO C 105 -12.47 23.63 25.24
CA PRO C 105 -11.40 23.99 26.16
C PRO C 105 -11.52 23.38 27.55
N HIS C 106 -12.74 23.19 28.03
CA HIS C 106 -12.97 22.50 29.29
C HIS C 106 -12.31 21.10 29.41
N LEU C 107 -12.12 20.39 28.27
N LEU C 107 -12.10 20.40 28.30
CA LEU C 107 -11.34 19.12 28.23
CA LEU C 107 -11.41 19.11 28.36
C LEU C 107 -9.91 19.28 28.73
C LEU C 107 -9.88 19.23 28.60
N PHE C 108 -9.33 20.46 28.52
CA PHE C 108 -7.93 20.72 28.89
C PHE C 108 -7.79 21.55 30.16
N SER C 109 -8.81 21.55 31.02
CA SER C 109 -8.81 22.43 32.21
C SER C 109 -7.71 22.10 33.23
N ASN C 110 -7.21 20.85 33.24
CA ASN C 110 -6.07 20.50 34.09
C ASN C 110 -4.79 20.18 33.32
N ALA C 111 -4.81 20.34 32.01
CA ALA C 111 -3.70 19.91 31.17
C ALA C 111 -2.43 20.68 31.46
N ARG C 112 -2.55 21.98 31.70
CA ARG C 112 -1.36 22.81 31.90
C ARG C 112 -0.61 22.38 33.18
N GLU C 113 -1.36 22.07 34.24
CA GLU C 113 -0.76 21.57 35.47
C GLU C 113 -0.24 20.13 35.29
N GLN C 114 -1.11 19.23 34.82
CA GLN C 114 -0.74 17.83 34.67
C GLN C 114 0.52 17.63 33.86
N TRP C 115 0.57 18.26 32.70
CA TRP C 115 1.59 17.94 31.71
C TRP C 115 2.98 18.52 31.97
N LYS C 116 3.10 19.42 32.96
CA LYS C 116 4.41 19.81 33.53
C LYS C 116 5.33 18.62 33.79
N CYS C 117 4.79 17.57 34.42
CA CYS C 117 5.62 16.43 34.82
C CYS C 117 6.03 15.53 33.64
N ASP C 118 5.38 15.68 32.50
CA ASP C 118 5.86 15.10 31.25
C ASP C 118 6.85 16.01 30.50
N GLY C 119 7.23 17.14 31.07
CA GLY C 119 8.06 18.11 30.35
C GLY C 119 7.33 18.89 29.26
N VAL C 120 6.00 18.94 29.31
CA VAL C 120 5.22 19.69 28.31
C VAL C 120 4.68 20.94 28.99
N PHE C 121 4.89 22.08 28.33
CA PHE C 121 4.59 23.39 28.88
C PHE C 121 3.58 24.08 27.96
N VAL C 122 2.34 24.10 28.43
CA VAL C 122 1.22 24.75 27.78
C VAL C 122 0.88 25.94 28.68
N SER C 123 1.06 27.15 28.17
CA SER C 123 0.84 28.38 28.94
C SER C 123 -0.63 28.81 29.03
N HIS C 124 -1.44 28.49 28.02
CA HIS C 124 -2.84 28.91 28.00
C HIS C 124 -3.71 27.92 27.28
N ILE C 125 -4.93 27.72 27.79
CA ILE C 125 -6.02 27.08 27.06
C ILE C 125 -6.95 28.20 26.61
N ILE C 126 -7.36 28.18 25.35
CA ILE C 126 -8.07 29.31 24.75
C ILE C 126 -9.32 28.78 24.06
N ASP C 127 -10.45 29.44 24.34
CA ASP C 127 -11.71 29.12 23.68
C ASP C 127 -11.69 29.73 22.28
N ILE C 128 -11.93 28.90 21.27
CA ILE C 128 -12.04 29.39 19.88
C ILE C 128 -13.12 30.49 19.74
N LYS C 129 -14.16 30.47 20.58
CA LYS C 129 -15.22 31.49 20.56
C LYS C 129 -14.78 32.87 21.05
N ASP C 130 -13.58 32.98 21.65
CA ASP C 130 -13.10 34.28 22.12
C ASP C 130 -12.84 35.20 20.97
N ASN C 131 -13.30 36.44 21.12
CA ASN C 131 -12.82 37.53 20.33
C ASN C 131 -11.47 37.87 20.95
N ASN C 132 -10.54 38.36 20.14
CA ASN C 132 -9.29 38.92 20.67
C ASN C 132 -8.34 37.88 21.32
N ILE C 133 -7.95 36.89 20.53
CA ILE C 133 -6.95 35.90 20.93
C ILE C 133 -5.56 36.48 20.59
N ASN C 134 -4.70 36.56 21.60
CA ASN C 134 -3.27 36.90 21.43
C ASN C 134 -2.38 35.68 21.71
N VAL C 135 -1.29 35.56 20.95
CA VAL C 135 -0.27 34.52 21.17
C VAL C 135 1.10 35.16 21.08
N SER C 136 1.97 34.88 22.06
CA SER C 136 3.38 35.32 22.05
C SER C 136 4.19 34.81 20.87
N ASP C 137 5.36 35.43 20.68
CA ASP C 137 6.39 34.94 19.77
C ASP C 137 6.83 33.53 20.11
N SER C 138 7.31 32.82 19.09
CA SER C 138 8.00 31.52 19.23
C SER C 138 7.14 30.53 20.01
N THR C 139 5.87 30.45 19.61
CA THR C 139 4.87 29.66 20.31
C THR C 139 4.18 28.73 19.30
N LEU C 140 4.10 27.45 19.63
CA LEU C 140 3.35 26.48 18.86
C LEU C 140 1.88 26.59 19.21
N ILE C 141 1.03 26.72 18.20
CA ILE C 141 -0.42 26.85 18.40
C ILE C 141 -1.06 25.53 18.04
N TRP C 142 -1.62 24.84 19.03
CA TRP C 142 -2.40 23.61 18.81
C TRP C 142 -3.91 23.93 18.71
N LEU C 143 -4.47 23.76 17.52
CA LEU C 143 -5.89 24.01 17.24
C LEU C 143 -6.62 22.66 17.27
N HIS C 144 -7.43 22.44 18.33
CA HIS C 144 -8.19 21.19 18.53
C HIS C 144 -9.72 21.40 18.40
N LEU C 145 -10.36 20.68 17.46
CA LEU C 145 -11.72 20.95 17.08
C LEU C 145 -12.55 19.66 17.07
N GLU C 146 -13.60 19.63 17.87
CA GLU C 146 -14.64 18.62 17.75
C GLU C 146 -15.59 18.92 16.61
N ASN C 147 -15.76 20.20 16.27
CA ASN C 147 -16.59 20.60 15.14
C ASN C 147 -15.75 21.32 14.12
N TYR C 148 -15.44 20.60 13.05
CA TYR C 148 -14.51 21.07 12.05
C TYR C 148 -15.15 21.96 10.98
N HIS C 149 -14.52 23.10 10.74
CA HIS C 149 -14.82 23.88 9.55
C HIS C 149 -13.53 24.54 9.11
N SER C 150 -13.28 24.51 7.81
CA SER C 150 -12.00 24.99 7.27
C SER C 150 -11.71 26.52 7.51
N ASP C 151 -12.75 27.34 7.51
CA ASP C 151 -12.62 28.76 7.90
C ASP C 151 -12.13 29.02 9.33
N ILE C 152 -12.32 28.06 10.24
CA ILE C 152 -11.78 28.22 11.58
C ILE C 152 -10.26 28.13 11.52
N VAL C 153 -9.73 27.18 10.76
CA VAL C 153 -8.29 27.10 10.53
C VAL C 153 -7.84 28.35 9.77
N LYS C 154 -8.62 28.73 8.75
CA LYS C 154 -8.27 29.88 7.91
C LYS C 154 -8.09 31.11 8.78
N ARG C 155 -9.03 31.33 9.71
CA ARG C 155 -9.00 32.49 10.61
C ARG C 155 -7.74 32.52 11.49
N ILE C 156 -7.44 31.40 12.14
CA ILE C 156 -6.28 31.28 13.04
C ILE C 156 -4.98 31.56 12.28
N TYR C 157 -4.86 30.95 11.10
CA TYR C 157 -3.70 31.17 10.23
C TYR C 157 -3.49 32.65 9.90
N SER C 158 -4.57 33.32 9.49
CA SER C 158 -4.51 34.75 9.14
C SER C 158 -4.15 35.62 10.32
N LYS C 159 -4.67 35.30 11.51
CA LYS C 159 -4.36 36.09 12.72
C LYS C 159 -2.88 36.00 13.08
N PHE C 160 -2.28 34.81 12.94
CA PHE C 160 -0.97 34.52 13.60
C PHE C 160 0.22 34.14 12.70
N GLU C 161 -0.01 33.84 11.42
CA GLU C 161 1.10 33.56 10.47
C GLU C 161 2.33 34.46 10.58
N SER C 162 2.10 35.75 10.84
CA SER C 162 3.19 36.74 10.93
C SER C 162 3.81 36.90 12.31
N ASN C 163 3.28 36.23 13.35
CA ASN C 163 3.97 36.20 14.65
C ASN C 163 5.34 35.55 14.43
N PRO C 164 6.41 36.27 14.81
CA PRO C 164 7.76 35.70 14.79
C PRO C 164 7.81 34.32 15.45
N GLY C 165 8.39 33.36 14.73
CA GLY C 165 8.67 32.04 15.28
C GLY C 165 7.47 31.17 15.52
N VAL C 166 6.32 31.55 14.97
CA VAL C 166 5.09 30.82 15.19
C VAL C 166 5.08 29.49 14.44
N ALA C 167 4.31 28.55 14.95
CA ALA C 167 3.97 27.36 14.19
C ALA C 167 2.57 26.93 14.59
N PHE C 168 1.98 26.06 13.79
CA PHE C 168 0.63 25.55 14.01
C PHE C 168 0.60 24.07 13.90
N ILE C 169 -0.32 23.45 14.63
CA ILE C 169 -0.69 22.07 14.42
C ILE C 169 -2.20 21.98 14.69
N GLN C 170 -2.92 21.15 13.92
CA GLN C 170 -4.37 21.01 14.00
C GLN C 170 -4.77 19.58 14.26
N SER C 171 -5.79 19.40 15.10
CA SER C 171 -6.36 18.09 15.31
C SER C 171 -7.88 18.21 15.22
N TYR C 172 -8.50 17.20 14.59
CA TYR C 172 -9.94 17.20 14.34
C TYR C 172 -10.41 15.80 13.94
N TYR C 173 -11.72 15.62 13.85
CA TYR C 173 -12.34 14.32 13.68
C TYR C 173 -12.95 14.16 12.29
N LEU C 174 -12.59 13.05 11.65
CA LEU C 174 -13.05 12.71 10.31
C LEU C 174 -13.63 11.33 10.39
N LYS C 175 -14.91 11.27 10.66
CA LYS C 175 -15.68 10.03 10.70
C LYS C 175 -15.19 9.17 11.91
N GLU C 176 -14.59 8.00 11.68
CA GLU C 176 -14.08 7.19 12.83
C GLU C 176 -12.65 7.55 13.24
N SER C 177 -12.00 8.47 12.53
CA SER C 177 -10.63 8.84 12.79
C SER C 177 -10.50 10.12 13.55
N PHE C 178 -9.51 10.16 14.44
CA PHE C 178 -8.95 11.40 14.99
C PHE C 178 -7.67 11.69 14.19
N ARG C 179 -7.61 12.84 13.49
CA ARG C 179 -6.42 13.23 12.72
C ARG C 179 -5.66 14.36 13.41
N ILE C 180 -4.34 14.19 13.51
CA ILE C 180 -3.40 15.24 13.85
C ILE C 180 -2.56 15.55 12.62
N ASP C 181 -2.71 16.77 12.12
CA ASP C 181 -1.93 17.28 10.99
C ASP C 181 -0.44 17.38 11.39
N GLY C 182 0.39 17.57 10.37
CA GLY C 182 1.78 17.90 10.58
C GLY C 182 1.88 19.30 11.14
N VAL C 183 3.09 19.67 11.54
CA VAL C 183 3.37 21.02 12.01
C VAL C 183 3.57 21.96 10.82
N TYR C 184 2.84 23.07 10.83
CA TYR C 184 2.95 24.12 9.81
C TYR C 184 3.74 25.26 10.38
N SER C 185 4.93 25.47 9.83
CA SER C 185 5.82 26.53 10.28
C SER C 185 6.14 27.42 9.10
N PRO C 186 5.64 28.67 9.10
CA PRO C 186 6.05 29.61 8.05
C PRO C 186 7.57 29.77 7.96
N ASP C 187 8.24 29.91 9.10
CA ASP C 187 9.71 30.04 9.15
C ASP C 187 10.49 28.88 8.52
N LEU C 188 10.04 27.65 8.78
CA LEU C 188 10.67 26.44 8.24
C LEU C 188 10.13 26.04 6.87
N GLY C 189 8.98 26.57 6.45
CA GLY C 189 8.44 26.23 5.14
C GLY C 189 7.89 24.82 5.06
N THR C 190 7.17 24.39 6.10
CA THR C 190 6.56 23.06 6.14
C THR C 190 5.12 23.18 5.69
N PRO C 191 4.53 22.06 5.22
CA PRO C 191 3.15 22.09 4.72
C PRO C 191 2.12 22.56 5.74
N CYS C 192 0.99 23.04 5.22
CA CYS C 192 -0.11 23.49 6.09
C CYS C 192 -1.32 22.52 6.04
N HIS C 193 -2.29 22.78 6.93
CA HIS C 193 -3.57 22.09 6.96
C HIS C 193 -4.18 21.84 5.57
N PHE C 194 -4.19 22.90 4.75
CA PHE C 194 -4.85 22.85 3.44
C PHE C 194 -4.05 22.10 2.40
N CYS C 195 -2.73 22.08 2.52
CA CYS C 195 -1.88 21.18 1.72
C CYS C 195 -2.38 19.75 1.73
N HIS C 196 -2.96 19.32 2.86
CA HIS C 196 -3.65 18.04 2.94
C HIS C 196 -5.09 18.10 2.41
N ILE C 197 -5.97 18.79 3.15
CA ILE C 197 -7.41 18.69 2.92
C ILE C 197 -7.86 19.27 1.54
N GLU C 198 -7.38 20.47 1.15
CA GLU C 198 -7.78 21.05 -0.16
C GLU C 198 -7.29 20.18 -1.32
N ARG C 199 -6.07 19.68 -1.19
CA ARG C 199 -5.53 18.71 -2.15
C ARG C 199 -6.37 17.43 -2.24
N TRP C 200 -6.77 16.89 -1.09
CA TRP C 200 -7.68 15.74 -1.03
C TRP C 200 -9.02 16.04 -1.73
N LEU C 201 -9.61 17.19 -1.42
CA LEU C 201 -10.86 17.62 -2.09
C LEU C 201 -10.65 17.79 -3.60
N SER C 202 -9.52 18.40 -3.98
CA SER C 202 -9.20 18.56 -5.40
C SER C 202 -9.23 17.22 -6.13
N ARG C 203 -8.62 16.21 -5.52
CA ARG C 203 -8.52 14.90 -6.12
C ARG C 203 -9.91 14.27 -6.31
N GLU C 204 -10.81 14.48 -5.35
CA GLU C 204 -12.23 14.05 -5.49
C GLU C 204 -12.92 14.83 -6.63
N GLU C 205 -12.81 16.16 -6.63
CA GLU C 205 -13.46 17.04 -7.63
C GLU C 205 -12.95 16.77 -9.05
N LYS C 206 -11.64 16.55 -9.15
CA LYS C 206 -11.02 16.31 -10.44
C LYS C 206 -10.73 14.82 -10.77
N SER C 207 -11.40 13.91 -10.08
CA SER C 207 -11.31 12.48 -10.39
C SER C 207 -11.64 12.13 -11.84
N PHE C 208 -10.80 11.27 -12.43
CA PHE C 208 -10.99 10.84 -13.82
C PHE C 208 -12.44 10.39 -14.03
N ARG C 209 -12.93 9.52 -13.13
CA ARG C 209 -14.37 9.26 -12.97
C ARG C 209 -14.80 9.54 -11.53
N ARG C 210 -15.54 10.62 -11.33
CA ARG C 210 -15.97 11.04 -9.98
C ARG C 210 -16.81 9.92 -9.41
N ASN C 211 -16.50 9.58 -8.17
CA ASN C 211 -17.36 8.79 -7.32
C ASN C 211 -18.52 9.69 -6.87
N GLU C 212 -19.73 9.43 -7.37
CA GLU C 212 -20.92 10.22 -6.98
C GLU C 212 -21.24 10.16 -5.46
N MET C 213 -20.72 9.15 -4.76
CA MET C 213 -20.83 8.99 -3.31
C MET C 213 -19.54 9.35 -2.57
N SER C 214 -18.72 10.24 -3.14
CA SER C 214 -17.53 10.77 -2.45
C SER C 214 -17.89 11.47 -1.12
N TRP C 215 -17.06 11.26 -0.11
CA TRP C 215 -17.13 12.04 1.12
C TRP C 215 -16.91 13.54 0.88
N ALA C 216 -16.27 13.92 -0.23
CA ALA C 216 -16.21 15.32 -0.63
C ALA C 216 -17.61 15.97 -0.80
N ASN C 217 -18.63 15.20 -1.21
CA ASN C 217 -19.98 15.72 -1.32
C ASN C 217 -20.52 16.20 0.02
N LEU C 218 -20.25 15.43 1.08
CA LEU C 218 -20.61 15.85 2.41
C LEU C 218 -19.89 17.12 2.79
N LEU C 219 -18.57 17.15 2.64
CA LEU C 219 -17.76 18.30 3.09
C LEU C 219 -18.10 19.59 2.31
N GLN C 220 -18.30 19.49 0.99
CA GLN C 220 -18.69 20.65 0.17
C GLN C 220 -20.12 21.10 0.52
N LEU C 221 -21.03 20.16 0.77
CA LEU C 221 -22.39 20.52 1.18
C LEU C 221 -22.44 21.18 2.57
N LEU C 222 -21.57 20.78 3.50
CA LEU C 222 -21.45 21.48 4.78
C LEU C 222 -20.93 22.92 4.60
N LYS C 223 -19.98 23.14 3.69
CA LYS C 223 -19.59 24.52 3.29
C LYS C 223 -20.84 25.29 2.78
N LYS C 224 -21.51 24.78 1.76
CA LYS C 224 -22.67 25.46 1.14
C LYS C 224 -23.76 25.79 2.16
N TYR C 225 -23.99 24.88 3.10
CA TYR C 225 -25.00 25.04 4.15
C TYR C 225 -24.49 25.75 5.43
N GLN C 226 -23.21 26.14 5.46
CA GLN C 226 -22.60 26.86 6.60
C GLN C 226 -22.68 26.07 7.92
N MET C 227 -22.37 24.78 7.83
CA MET C 227 -22.38 23.87 8.99
C MET C 227 -20.97 23.30 9.25
N THR C 228 -20.71 23.03 10.51
CA THR C 228 -19.51 22.29 10.90
C THR C 228 -19.68 20.77 10.70
N LEU C 229 -18.55 20.09 10.56
CA LEU C 229 -18.53 18.63 10.50
C LEU C 229 -18.37 18.17 11.93
N PRO C 230 -19.41 17.57 12.52
CA PRO C 230 -19.27 17.13 13.91
C PRO C 230 -18.45 15.84 14.03
N ALA C 231 -17.72 15.72 15.14
CA ALA C 231 -17.16 14.44 15.53
C ALA C 231 -18.34 13.53 15.83
N LEU C 232 -18.23 12.28 15.42
CA LEU C 232 -19.35 11.34 15.53
C LEU C 232 -19.40 10.68 16.90
N ALA C 233 -20.39 11.09 17.70
CA ALA C 233 -20.75 10.39 18.94
C ALA C 233 -19.55 10.13 19.87
N LEU C 234 -18.75 11.16 20.09
CA LEU C 234 -17.65 11.08 21.07
C LEU C 234 -18.22 10.95 22.47
N GLY C 235 -17.62 10.07 23.25
CA GLY C 235 -17.89 9.94 24.67
C GLY C 235 -16.64 10.28 25.45
N GLU C 236 -16.68 10.05 26.76
CA GLU C 236 -15.52 10.33 27.60
C GLU C 236 -14.25 9.53 27.20
N SER C 237 -14.43 8.29 26.79
CA SER C 237 -13.27 7.44 26.49
C SER C 237 -12.54 7.92 25.22
N GLU C 238 -13.32 8.29 24.19
CA GLU C 238 -12.73 8.83 22.98
C GLU C 238 -11.98 10.13 23.27
N ARG C 239 -12.54 10.97 24.13
CA ARG C 239 -11.85 12.20 24.49
C ARG C 239 -10.60 11.97 25.32
N GLY C 240 -10.65 11.01 26.25
CA GLY C 240 -9.46 10.67 27.04
C GLY C 240 -8.37 10.10 26.17
N PHE C 241 -8.73 9.24 25.23
CA PHE C 241 -7.80 8.76 24.22
C PHE C 241 -7.18 9.90 23.40
N SER C 242 -8.01 10.83 22.97
CA SER C 242 -7.54 12.01 22.21
C SER C 242 -6.59 12.87 23.05
N TYR C 243 -6.94 13.08 24.30
CA TYR C 243 -6.18 13.88 25.25
C TYR C 243 -4.72 13.38 25.38
N HIS C 244 -4.58 12.06 25.52
CA HIS C 244 -3.26 11.44 25.65
C HIS C 244 -2.45 11.52 24.35
N LEU C 245 -3.08 11.28 23.21
CA LEU C 245 -2.40 11.48 21.90
C LEU C 245 -1.89 12.93 21.75
N ILE C 246 -2.70 13.88 22.15
CA ILE C 246 -2.28 15.27 22.11
C ILE C 246 -1.06 15.45 23.04
N LYS C 247 -1.15 14.94 24.29
CA LYS C 247 -0.02 15.07 25.21
C LYS C 247 1.27 14.54 24.61
N ARG C 248 1.23 13.34 24.04
CA ARG C 248 2.45 12.70 23.56
C ARG C 248 3.01 13.34 22.30
N ARG C 249 2.13 13.77 21.39
CA ARG C 249 2.60 14.55 20.23
C ARG C 249 3.29 15.87 20.66
N LEU C 250 2.65 16.60 21.58
CA LEU C 250 3.28 17.81 22.12
C LEU C 250 4.64 17.49 22.73
N GLN C 251 4.72 16.39 23.48
CA GLN C 251 5.99 15.93 24.06
C GLN C 251 7.07 15.70 22.97
N GLU C 252 6.71 15.04 21.88
CA GLU C 252 7.62 14.85 20.73
C GLU C 252 8.07 16.17 20.06
N LEU C 253 7.23 17.18 20.13
CA LEU C 253 7.52 18.48 19.55
C LEU C 253 8.23 19.41 20.53
N THR C 254 8.32 19.01 21.80
CA THR C 254 9.04 19.76 22.85
C THR C 254 10.54 19.44 22.90
N GLY C 255 11.34 20.50 23.05
CA GLY C 255 12.81 20.42 22.96
C GLY C 255 13.37 20.39 21.55
N THR C 256 12.51 20.35 20.53
CA THR C 256 12.94 20.11 19.13
C THR C 256 13.46 21.37 18.47
N SER C 257 14.50 21.18 17.67
CA SER C 257 15.05 22.19 16.76
C SER C 257 15.34 21.47 15.42
N LEU C 258 15.98 22.15 14.47
CA LEU C 258 16.57 21.44 13.32
C LEU C 258 17.96 20.81 13.68
N VAL C 259 18.62 21.32 14.74
CA VAL C 259 19.87 20.74 15.27
C VAL C 259 19.69 19.34 15.89
N LYS C 260 18.88 19.26 16.95
CA LYS C 260 18.64 18.00 17.69
C LYS C 260 17.60 17.07 17.04
N SER C 261 16.63 17.65 16.34
CA SER C 261 15.52 16.92 15.71
C SER C 261 15.67 16.89 14.16
N HIS C 262 14.60 16.59 13.43
CA HIS C 262 14.64 16.33 12.00
C HIS C 262 13.29 16.68 11.37
N VAL C 263 13.30 17.18 10.12
CA VAL C 263 12.11 17.80 9.52
C VAL C 263 10.91 16.83 9.35
N ASP C 264 11.20 15.54 9.28
CA ASP C 264 10.16 14.51 9.30
C ASP C 264 9.36 14.41 10.59
N ASN C 265 9.90 14.86 11.71
CA ASN C 265 9.08 15.05 12.91
C ASN C 265 7.97 16.11 12.69
N PHE C 266 8.16 17.07 11.81
CA PHE C 266 7.13 18.08 11.56
C PHE C 266 6.26 17.68 10.39
N MET C 267 6.87 17.07 9.38
CA MET C 267 6.18 16.73 8.15
C MET C 267 5.60 15.31 8.19
N SER C 268 4.93 14.99 9.30
CA SER C 268 4.17 13.76 9.48
C SER C 268 2.84 14.02 10.14
N SER C 269 1.81 13.30 9.70
CA SER C 269 0.50 13.36 10.32
C SER C 269 0.34 12.09 11.13
N VAL C 270 -0.51 12.16 12.16
CA VAL C 270 -0.90 11.01 12.96
C VAL C 270 -2.42 10.88 12.89
N SER C 271 -2.88 9.74 12.37
CA SER C 271 -4.29 9.42 12.35
C SER C 271 -4.56 8.21 13.23
N ALA C 272 -5.56 8.31 14.10
CA ALA C 272 -5.95 7.23 15.03
C ALA C 272 -7.37 6.79 14.73
N ASP C 273 -7.55 5.53 14.35
CA ASP C 273 -8.86 4.92 14.29
C ASP C 273 -9.41 4.77 15.71
N LEU C 274 -10.53 5.41 16.01
CA LEU C 274 -11.09 5.44 17.35
C LEU C 274 -11.75 4.13 17.78
N ILE C 275 -11.99 3.23 16.83
CA ILE C 275 -12.57 1.93 17.07
C ILE C 275 -11.45 0.91 17.40
N THR C 276 -10.53 0.69 16.44
CA THR C 276 -9.42 -0.26 16.62
C THR C 276 -8.30 0.28 17.51
N CYS C 277 -8.30 1.60 17.76
CA CYS C 277 -7.24 2.33 18.46
C CYS C 277 -5.89 2.24 17.76
N ILE C 278 -5.87 1.95 16.46
CA ILE C 278 -4.64 1.79 15.70
C ILE C 278 -4.20 3.16 15.15
N LEU C 279 -2.93 3.52 15.37
CA LEU C 279 -2.33 4.76 14.82
C LEU C 279 -1.74 4.53 13.44
N CYS C 280 -1.86 5.53 12.59
CA CYS C 280 -1.24 5.52 11.28
C CYS C 280 -0.44 6.80 11.09
N LYS C 281 0.88 6.71 11.14
CA LYS C 281 1.75 7.87 10.93
C LYS C 281 2.08 7.95 9.45
N GLU C 282 1.83 9.10 8.81
CA GLU C 282 2.02 9.25 7.38
C GLU C 282 2.77 10.53 7.06
N PRO C 283 3.60 10.53 5.99
CA PRO C 283 4.25 11.77 5.57
C PRO C 283 3.27 12.83 5.07
N VAL C 284 3.59 14.08 5.36
CA VAL C 284 2.88 15.20 4.78
C VAL C 284 3.83 15.90 3.80
N ILE C 285 3.31 16.25 2.64
CA ILE C 285 4.05 16.99 1.63
C ILE C 285 3.31 18.29 1.23
N HIS C 286 4.05 19.17 0.59
CA HIS C 286 3.51 20.42 0.10
C HIS C 286 2.63 20.12 -1.10
N TRP C 287 1.60 20.94 -1.28
CA TRP C 287 0.80 20.93 -2.48
C TRP C 287 1.20 22.18 -3.28
N GLN C 288 1.71 22.00 -4.50
CA GLN C 288 2.17 23.13 -5.33
C GLN C 288 1.07 24.23 -5.44
N ALA C 289 -0.20 23.85 -5.43
CA ALA C 289 -1.30 24.80 -5.60
C ALA C 289 -1.70 25.55 -4.32
N CYS C 290 -1.14 25.21 -3.17
CA CYS C 290 -1.63 25.76 -1.93
C CYS C 290 -1.24 27.23 -1.74
N SER C 291 -2.14 27.97 -1.11
CA SER C 291 -1.91 29.38 -0.86
C SER C 291 -0.79 29.62 0.17
N CYS C 292 -0.49 28.64 1.04
CA CYS C 292 0.68 28.75 1.92
C CYS C 292 1.98 28.97 1.15
N LEU C 293 2.03 28.57 -0.13
CA LEU C 293 3.24 28.80 -0.95
C LEU C 293 3.36 30.20 -1.59
N GLU C 294 2.31 31.03 -1.49
CA GLU C 294 2.33 32.38 -2.08
C GLU C 294 2.96 33.36 -1.09
N SER D 2 -4.10 -22.54 -17.86
CA SER D 2 -4.19 -21.56 -19.02
C SER D 2 -5.65 -21.09 -19.24
N LYS D 3 -6.57 -22.02 -19.49
CA LYS D 3 -8.03 -21.74 -19.36
C LYS D 3 -8.41 -21.49 -17.88
N HIS D 4 -7.58 -21.97 -16.96
CA HIS D 4 -7.81 -21.85 -15.52
C HIS D 4 -6.83 -20.87 -14.84
N GLU D 5 -6.23 -19.97 -15.61
CA GLU D 5 -5.13 -19.13 -15.13
C GLU D 5 -5.62 -18.12 -14.12
N LEU D 6 -4.87 -17.97 -13.05
CA LEU D 6 -5.04 -16.93 -12.05
C LEU D 6 -3.74 -16.13 -11.98
N SER D 7 -3.84 -14.80 -12.04
CA SER D 7 -2.68 -13.93 -11.89
C SER D 7 -2.43 -13.68 -10.41
N LEU D 8 -1.16 -13.74 -10.00
CA LEU D 8 -0.80 -13.41 -8.63
C LEU D 8 -1.03 -11.94 -8.26
N VAL D 9 -1.22 -11.07 -9.25
CA VAL D 9 -1.57 -9.65 -8.99
C VAL D 9 -2.90 -9.57 -8.23
N GLU D 10 -3.85 -10.46 -8.58
CA GLU D 10 -5.18 -10.51 -7.91
C GLU D 10 -5.05 -10.98 -6.48
N VAL D 11 -4.21 -11.99 -6.28
CA VAL D 11 -3.95 -12.53 -4.97
C VAL D 11 -3.32 -11.50 -4.02
N THR D 12 -2.33 -10.76 -4.51
CA THR D 12 -1.59 -9.81 -3.65
C THR D 12 -2.46 -8.65 -3.15
N HIS D 13 -3.54 -8.37 -3.87
CA HIS D 13 -4.49 -7.37 -3.46
C HIS D 13 -4.97 -7.59 -2.03
N TYR D 14 -5.01 -8.84 -1.55
CA TYR D 14 -5.52 -9.16 -0.21
C TYR D 14 -4.41 -9.48 0.81
N THR D 15 -3.14 -9.35 0.44
CA THR D 15 -2.02 -9.77 1.30
C THR D 15 -1.84 -8.84 2.49
N ASP D 16 -1.75 -9.44 3.68
CA ASP D 16 -1.34 -8.72 4.87
C ASP D 16 0.18 -8.83 4.94
N PRO D 17 0.88 -7.70 4.79
CA PRO D 17 2.34 -7.78 4.76
C PRO D 17 2.99 -8.21 6.09
N GLU D 18 2.34 -7.98 7.22
CA GLU D 18 2.84 -8.44 8.51
C GLU D 18 2.80 -9.99 8.56
N VAL D 19 1.67 -10.55 8.14
CA VAL D 19 1.53 -12.00 8.11
C VAL D 19 2.61 -12.59 7.23
N LEU D 20 2.82 -12.02 6.03
CA LEU D 20 3.73 -12.57 5.03
C LEU D 20 5.15 -12.56 5.54
N ALA D 21 5.57 -11.45 6.15
CA ALA D 21 6.91 -11.34 6.72
C ALA D 21 7.13 -12.32 7.85
N ILE D 22 6.16 -12.46 8.76
CA ILE D 22 6.31 -13.33 9.93
C ILE D 22 6.37 -14.81 9.51
N VAL D 23 5.55 -15.19 8.54
CA VAL D 23 5.58 -16.55 7.97
C VAL D 23 6.93 -16.89 7.27
N LYS D 24 7.42 -15.99 6.41
CA LYS D 24 8.72 -16.18 5.77
C LYS D 24 9.86 -16.28 6.78
N ASP D 25 9.85 -15.39 7.78
CA ASP D 25 10.89 -15.39 8.81
C ASP D 25 10.94 -16.72 9.51
N PHE D 26 9.78 -17.31 9.76
CA PHE D 26 9.70 -18.60 10.40
C PHE D 26 10.15 -19.70 9.45
N HIS D 27 9.60 -19.69 8.24
CA HIS D 27 9.88 -20.73 7.25
C HIS D 27 11.36 -20.96 7.01
N VAL D 28 12.08 -19.86 6.85
CA VAL D 28 13.50 -19.90 6.58
C VAL D 28 14.30 -20.57 7.73
N ARG D 29 13.77 -20.58 8.95
CA ARG D 29 14.42 -21.26 10.06
C ARG D 29 14.63 -22.76 9.78
N GLY D 30 13.70 -23.36 9.02
CA GLY D 30 13.83 -24.73 8.60
C GLY D 30 14.56 -25.06 7.29
N ASN D 31 15.15 -24.06 6.65
CA ASN D 31 15.95 -24.28 5.45
C ASN D 31 17.28 -24.91 5.85
N PHE D 32 17.81 -25.75 4.97
CA PHE D 32 19.10 -26.41 5.17
C PHE D 32 20.20 -25.89 4.25
N ALA D 33 21.42 -25.93 4.75
CA ALA D 33 22.63 -25.85 3.93
C ALA D 33 23.25 -27.26 3.92
N SER D 34 22.84 -28.04 2.91
CA SER D 34 23.16 -29.43 2.78
C SER D 34 23.94 -29.63 1.47
N LEU D 35 25.25 -29.70 1.57
CA LEU D 35 26.12 -29.82 0.38
C LEU D 35 27.22 -30.83 0.70
N PRO D 36 27.71 -31.59 -0.30
CA PRO D 36 28.86 -32.49 -0.05
C PRO D 36 30.07 -31.80 0.58
N GLU D 37 30.32 -30.56 0.17
CA GLU D 37 31.45 -29.78 0.67
C GLU D 37 31.25 -29.33 2.12
N PHE D 38 30.05 -29.41 2.66
CA PHE D 38 29.85 -29.03 4.07
C PHE D 38 29.76 -30.26 5.02
N ALA D 39 30.05 -31.45 4.52
CA ALA D 39 29.75 -32.71 5.23
C ALA D 39 30.45 -32.86 6.57
N GLU D 40 31.73 -32.53 6.58
CA GLU D 40 32.55 -32.70 7.77
C GLU D 40 32.54 -31.54 8.76
N ARG D 41 31.80 -30.49 8.45
CA ARG D 41 31.74 -29.33 9.32
C ARG D 41 30.30 -29.02 9.72
N THR D 42 29.36 -29.90 9.37
CA THR D 42 27.97 -29.73 9.76
C THR D 42 27.37 -31.05 10.22
N PHE D 43 26.17 -30.97 10.78
CA PHE D 43 25.39 -32.17 11.09
C PHE D 43 23.91 -31.91 10.87
N VAL D 44 23.17 -33.00 10.81
CA VAL D 44 21.73 -32.98 10.54
C VAL D 44 20.93 -33.44 11.77
N SER D 45 21.32 -34.58 12.34
CA SER D 45 20.60 -35.22 13.43
C SER D 45 21.12 -34.75 14.75
N ALA D 46 20.24 -34.19 15.58
CA ALA D 46 20.58 -33.84 16.94
C ALA D 46 20.65 -35.09 17.85
N VAL D 47 20.18 -36.24 17.38
CA VAL D 47 20.29 -37.47 18.12
C VAL D 47 21.44 -38.31 17.57
N PRO D 48 22.35 -38.81 18.44
CA PRO D 48 23.41 -39.71 17.96
C PRO D 48 22.85 -40.94 17.27
N LEU D 49 23.51 -41.37 16.19
CA LEU D 49 23.02 -42.48 15.35
C LEU D 49 22.80 -43.77 16.17
N ALA D 50 23.65 -44.00 17.18
CA ALA D 50 23.51 -45.13 18.09
C ALA D 50 22.23 -45.14 18.92
N HIS D 51 21.65 -43.98 19.21
CA HIS D 51 20.42 -43.93 19.98
C HIS D 51 19.17 -43.74 19.12
N LEU D 52 19.32 -43.59 17.80
CA LEU D 52 18.16 -43.34 16.90
C LEU D 52 17.16 -44.47 16.90
N GLU D 53 17.64 -45.70 16.92
CA GLU D 53 16.78 -46.88 16.76
C GLU D 53 15.63 -46.94 17.78
N LYS D 54 15.89 -46.50 19.01
CA LYS D 54 14.86 -46.49 20.06
C LYS D 54 13.72 -45.46 19.77
N PHE D 55 13.93 -44.50 18.89
CA PHE D 55 12.92 -43.50 18.56
C PHE D 55 12.12 -43.83 17.29
N GLU D 56 12.60 -44.79 16.51
CA GLU D 56 12.03 -45.07 15.18
C GLU D 56 10.90 -46.07 15.21
N ASN D 57 9.82 -45.76 14.49
CA ASN D 57 8.67 -46.65 14.41
C ASN D 57 8.13 -47.07 15.78
N LYS D 58 7.84 -46.08 16.61
CA LYS D 58 7.25 -46.31 17.92
C LYS D 58 5.88 -45.66 18.07
N GLU D 59 5.26 -45.94 19.20
CA GLU D 59 3.98 -45.39 19.60
C GLU D 59 4.18 -44.64 20.90
N VAL D 60 3.73 -43.39 20.94
CA VAL D 60 3.61 -42.66 22.20
C VAL D 60 2.21 -42.95 22.69
N LEU D 61 2.05 -43.12 24.00
CA LEU D 61 0.75 -43.43 24.57
C LEU D 61 0.09 -42.24 25.28
N PHE D 62 -1.23 -42.17 25.20
CA PHE D 62 -2.03 -41.27 26.06
C PHE D 62 -1.90 -41.64 27.54
N ARG D 63 -1.88 -42.94 27.85
CA ARG D 63 -1.64 -43.42 29.23
C ARG D 63 -0.37 -44.31 29.29
N PRO D 64 0.82 -43.66 29.35
CA PRO D 64 2.06 -44.42 29.38
C PRO D 64 2.11 -45.28 30.61
N GLY D 65 2.66 -46.47 30.45
CA GLY D 65 2.76 -47.43 31.52
C GLY D 65 1.61 -48.44 31.55
N PHE D 66 0.56 -48.19 30.76
CA PHE D 66 -0.69 -48.94 30.83
C PHE D 66 -1.03 -49.56 29.49
N SER D 67 -1.67 -50.72 29.54
CA SER D 67 -1.81 -51.64 28.42
C SER D 67 -3.29 -51.91 28.02
N SER D 68 -4.24 -51.16 28.58
CA SER D 68 -5.68 -51.43 28.37
C SER D 68 -6.12 -50.80 27.08
N VAL D 69 -6.41 -51.63 26.09
CA VAL D 69 -6.66 -51.16 24.75
C VAL D 69 -7.76 -52.00 24.14
N ILE D 70 -8.45 -51.45 23.16
CA ILE D 70 -9.40 -52.22 22.36
C ILE D 70 -8.68 -52.62 21.07
N ASN D 71 -8.34 -53.90 20.96
CA ASN D 71 -7.70 -54.44 19.78
C ASN D 71 -8.67 -54.51 18.60
N ILE D 72 -8.17 -54.14 17.43
CA ILE D 72 -8.88 -54.20 16.15
C ILE D 72 -8.25 -55.29 15.28
N SER D 73 -9.07 -55.99 14.52
CA SER D 73 -8.58 -57.09 13.68
C SER D 73 -7.93 -56.61 12.38
N SER D 74 -6.85 -57.30 12.01
CA SER D 74 -6.16 -57.07 10.74
C SER D 74 -6.97 -57.56 9.53
N SER D 75 -7.96 -58.43 9.76
CA SER D 75 -8.84 -58.96 8.70
C SER D 75 -9.63 -57.89 7.93
N HIS D 76 -9.88 -56.75 8.56
CA HIS D 76 -10.50 -55.59 7.89
C HIS D 76 -9.60 -54.86 6.91
N ASN D 77 -8.29 -55.17 6.94
CA ASN D 77 -7.33 -54.54 6.05
C ASN D 77 -7.44 -55.21 4.70
N PHE D 78 -7.75 -54.40 3.68
CA PHE D 78 -7.89 -54.87 2.29
C PHE D 78 -6.82 -54.25 1.40
N SER D 79 -5.82 -53.60 2.00
CA SER D 79 -4.82 -52.84 1.27
C SER D 79 -3.57 -53.66 1.00
N ARG D 80 -2.77 -53.20 0.03
CA ARG D 80 -1.42 -53.72 -0.20
C ARG D 80 -0.45 -52.92 0.70
N GLU D 81 0.65 -53.56 1.09
CA GLU D 81 1.67 -52.93 1.91
C GLU D 81 2.43 -51.90 1.07
N ARG D 82 2.64 -50.69 1.62
CA ARG D 82 3.40 -49.67 0.90
C ARG D 82 4.78 -50.24 0.70
N LEU D 83 5.37 -49.99 -0.47
CA LEU D 83 6.72 -50.48 -0.79
C LEU D 83 7.74 -49.70 0.04
N PRO D 84 8.83 -50.37 0.48
CA PRO D 84 9.89 -49.63 1.14
C PRO D 84 10.34 -48.49 0.25
N SER D 85 10.73 -47.36 0.84
CA SER D 85 11.16 -46.21 0.04
C SER D 85 12.47 -46.56 -0.64
N GLY D 86 12.58 -46.24 -1.93
CA GLY D 86 13.76 -46.55 -2.73
C GLY D 86 14.99 -45.84 -2.23
N ILE D 87 16.15 -46.46 -2.42
CA ILE D 87 17.44 -45.87 -2.05
C ILE D 87 18.49 -46.56 -2.90
N ASN D 88 19.67 -45.95 -3.02
CA ASN D 88 20.56 -46.10 -4.20
C ASN D 88 19.86 -46.57 -5.44
N PHE D 89 19.09 -45.63 -5.97
CA PHE D 89 18.41 -45.74 -7.24
C PHE D 89 19.43 -46.01 -8.33
N CYS D 90 19.03 -46.76 -9.36
CA CYS D 90 19.88 -47.06 -10.49
C CYS D 90 19.14 -46.69 -11.78
N ASP D 91 19.79 -45.89 -12.64
CA ASP D 91 19.19 -45.41 -13.88
C ASP D 91 19.66 -46.13 -15.15
N LYS D 92 20.08 -47.41 -15.04
CA LYS D 92 20.58 -48.17 -16.21
C LYS D 92 19.54 -48.31 -17.31
N ASN D 93 18.26 -48.47 -16.93
CA ASN D 93 17.17 -48.55 -17.91
C ASN D 93 16.71 -47.17 -18.37
N LYS D 94 16.16 -47.12 -19.58
CA LYS D 94 15.51 -45.93 -20.10
C LYS D 94 14.18 -45.83 -19.37
N LEU D 95 13.74 -44.61 -19.06
CA LEU D 95 12.44 -44.38 -18.48
C LEU D 95 11.65 -43.47 -19.42
N SER D 96 10.47 -43.91 -19.82
CA SER D 96 9.67 -43.20 -20.81
C SER D 96 8.92 -42.02 -20.20
N ILE D 97 8.67 -41.01 -21.03
CA ILE D 97 7.78 -39.92 -20.66
C ILE D 97 6.37 -40.44 -20.31
N ARG D 98 5.94 -41.51 -20.99
CA ARG D 98 4.65 -42.18 -20.73
C ARG D 98 4.47 -42.59 -19.26
N THR D 99 5.53 -43.16 -18.68
CA THR D 99 5.51 -43.55 -17.28
C THR D 99 5.36 -42.32 -16.38
N ILE D 100 6.08 -41.25 -16.72
CA ILE D 100 6.04 -40.00 -15.94
C ILE D 100 4.68 -39.30 -16.08
N GLU D 101 4.12 -39.30 -17.29
CA GLU D 101 2.75 -38.82 -17.53
C GLU D 101 1.70 -39.59 -16.72
N LYS D 102 1.84 -40.91 -16.67
CA LYS D 102 0.96 -41.77 -15.88
C LYS D 102 1.01 -41.36 -14.40
N LEU D 103 2.20 -41.08 -13.88
CA LEU D 103 2.31 -40.65 -12.50
C LEU D 103 1.56 -39.33 -12.27
N LEU D 104 1.85 -38.33 -13.10
CA LEU D 104 1.33 -36.97 -12.92
C LEU D 104 -0.20 -36.92 -12.94
N VAL D 105 -0.81 -37.40 -14.02
CA VAL D 105 -2.27 -37.32 -14.17
C VAL D 105 -3.01 -38.08 -13.05
N ASN D 106 -2.49 -39.25 -12.65
CA ASN D 106 -3.14 -40.05 -11.61
C ASN D 106 -2.97 -39.44 -10.22
N ALA D 107 -1.76 -38.95 -9.93
CA ALA D 107 -1.50 -38.33 -8.63
C ALA D 107 -2.25 -37.01 -8.40
N PHE D 108 -2.37 -36.19 -9.44
CA PHE D 108 -2.74 -34.76 -9.24
C PHE D 108 -3.94 -34.25 -10.05
N SER D 109 -4.52 -35.10 -10.91
CA SER D 109 -5.58 -34.67 -11.83
C SER D 109 -6.76 -35.63 -11.85
N SER D 110 -7.94 -35.09 -12.14
CA SER D 110 -9.13 -35.90 -12.43
C SER D 110 -8.92 -36.66 -13.73
N PRO D 111 -9.52 -37.87 -13.82
CA PRO D 111 -9.57 -38.57 -15.10
C PRO D 111 -10.40 -37.82 -16.18
N ASP D 112 -11.32 -36.99 -15.72
CA ASP D 112 -12.12 -36.12 -16.58
C ASP D 112 -11.33 -34.80 -16.85
N PRO D 113 -10.78 -34.63 -18.07
CA PRO D 113 -10.05 -33.39 -18.36
C PRO D 113 -10.90 -32.10 -18.40
N GLY D 114 -12.22 -32.23 -18.52
CA GLY D 114 -13.15 -31.11 -18.35
C GLY D 114 -13.40 -30.69 -16.89
N SER D 115 -13.04 -31.55 -15.94
CA SER D 115 -13.26 -31.27 -14.51
C SER D 115 -12.18 -30.36 -13.91
N VAL D 116 -12.56 -29.58 -12.91
CA VAL D 116 -11.58 -28.77 -12.17
C VAL D 116 -11.33 -29.32 -10.76
N ARG D 117 -11.87 -30.52 -10.48
CA ARG D 117 -11.68 -31.15 -9.18
C ARG D 117 -10.49 -32.11 -9.21
N ARG D 118 -9.69 -32.09 -8.16
CA ARG D 118 -8.45 -32.88 -8.08
C ARG D 118 -8.61 -34.04 -7.10
N PRO D 119 -7.70 -35.03 -7.18
CA PRO D 119 -7.76 -36.18 -6.27
C PRO D 119 -7.21 -35.92 -4.86
N TYR D 120 -7.01 -34.66 -4.50
CA TYR D 120 -6.69 -34.26 -3.14
C TYR D 120 -7.43 -32.98 -2.86
N PRO D 121 -7.90 -32.80 -1.62
CA PRO D 121 -8.67 -31.61 -1.27
C PRO D 121 -7.75 -30.43 -0.94
N SER D 122 -8.34 -29.27 -0.70
CA SER D 122 -7.55 -28.06 -0.43
C SER D 122 -8.38 -27.01 0.27
N GLY D 123 -7.81 -26.42 1.31
CA GLY D 123 -8.50 -25.34 2.03
C GLY D 123 -8.89 -24.22 1.08
N GLY D 124 -10.17 -23.85 1.14
CA GLY D 124 -10.73 -22.82 0.29
C GLY D 124 -10.71 -23.15 -1.20
N ALA D 125 -10.47 -24.42 -1.55
CA ALA D 125 -10.17 -24.80 -2.94
C ALA D 125 -9.10 -23.88 -3.56
N LEU D 126 -8.12 -23.45 -2.76
CA LEU D 126 -7.12 -22.50 -3.25
C LEU D 126 -5.88 -23.18 -3.90
N TYR D 127 -5.62 -24.43 -3.56
CA TYR D 127 -4.50 -25.19 -4.17
C TYR D 127 -3.21 -24.37 -4.30
N PRO D 128 -2.63 -23.93 -3.17
CA PRO D 128 -1.44 -23.07 -3.16
C PRO D 128 -0.13 -23.76 -3.47
N ILE D 129 -0.13 -25.08 -3.58
CA ILE D 129 1.11 -25.81 -3.78
C ILE D 129 1.27 -26.15 -5.24
N GLU D 130 2.46 -25.87 -5.78
CA GLU D 130 2.77 -26.13 -7.17
C GLU D 130 3.75 -27.28 -7.26
N VAL D 131 3.59 -28.09 -8.31
CA VAL D 131 4.42 -29.29 -8.55
C VAL D 131 5.39 -29.05 -9.72
N PHE D 132 6.69 -29.19 -9.47
CA PHE D 132 7.67 -29.04 -10.53
C PHE D 132 8.28 -30.41 -10.79
N LEU D 133 8.54 -30.70 -12.07
CA LEU D 133 9.21 -31.93 -12.52
C LEU D 133 10.66 -31.61 -12.83
N CYS D 134 11.56 -32.41 -12.30
CA CYS D 134 13.00 -32.28 -12.51
C CYS D 134 13.53 -33.55 -13.14
N ARG D 135 14.13 -33.41 -14.33
CA ARG D 135 14.69 -34.52 -15.09
C ARG D 135 16.16 -34.66 -14.70
N LEU D 136 16.52 -35.84 -14.19
CA LEU D 136 17.79 -36.05 -13.50
C LEU D 136 18.74 -37.06 -14.09
N SER D 137 18.31 -37.79 -15.13
CA SER D 137 19.16 -38.76 -15.82
C SER D 137 19.03 -38.57 -17.32
N GLU D 138 20.16 -38.70 -18.04
CA GLU D 138 20.11 -38.75 -19.51
C GLU D 138 19.44 -40.03 -20.05
N ASN D 139 19.24 -41.01 -19.17
CA ASN D 139 18.39 -42.17 -19.49
C ASN D 139 16.92 -41.95 -19.20
N THR D 140 16.53 -40.73 -18.88
CA THR D 140 15.12 -40.40 -18.78
C THR D 140 14.73 -39.75 -20.09
N GLU D 141 13.69 -40.28 -20.74
CA GLU D 141 13.15 -39.71 -21.98
C GLU D 141 12.66 -38.29 -21.69
N ASN D 142 12.64 -37.43 -22.71
CA ASN D 142 12.26 -36.02 -22.52
C ASN D 142 11.20 -35.55 -23.53
N TRP D 143 10.48 -34.48 -23.19
CA TRP D 143 9.46 -33.89 -24.07
C TRP D 143 10.06 -32.83 -24.96
N GLN D 144 10.81 -31.90 -24.36
CA GLN D 144 11.44 -30.80 -25.07
C GLN D 144 12.93 -30.90 -24.78
N ALA D 145 13.70 -31.18 -25.81
CA ALA D 145 15.13 -31.42 -25.71
C ALA D 145 15.80 -30.25 -25.04
N GLY D 146 16.60 -30.54 -24.01
CA GLY D 146 17.34 -29.51 -23.30
C GLY D 146 16.62 -28.95 -22.10
N THR D 147 15.34 -29.26 -21.94
CA THR D 147 14.55 -28.73 -20.84
C THR D 147 14.45 -29.83 -19.81
N ASN D 148 14.91 -29.53 -18.60
CA ASN D 148 14.94 -30.48 -17.50
C ASN D 148 14.13 -30.06 -16.28
N VAL D 149 13.56 -28.87 -16.27
CA VAL D 149 12.56 -28.51 -15.23
C VAL D 149 11.26 -28.10 -15.91
N TYR D 150 10.17 -28.72 -15.49
CA TYR D 150 8.85 -28.34 -16.00
C TYR D 150 7.99 -28.05 -14.79
N HIS D 151 6.84 -27.43 -15.06
CA HIS D 151 5.83 -27.13 -14.07
C HIS D 151 4.55 -27.85 -14.49
N TYR D 152 4.04 -28.74 -13.63
CA TYR D 152 2.83 -29.51 -13.96
C TYR D 152 1.58 -28.69 -13.67
N LEU D 153 0.73 -28.56 -14.68
CA LEU D 153 -0.52 -27.81 -14.56
C LEU D 153 -1.60 -28.87 -14.38
N PRO D 154 -2.06 -29.10 -13.12
CA PRO D 154 -2.95 -30.24 -12.84
C PRO D 154 -4.34 -30.20 -13.49
N LEU D 155 -4.82 -29.00 -13.78
CA LEU D 155 -6.15 -28.83 -14.36
C LEU D 155 -6.13 -28.85 -15.87
N SER D 156 -5.16 -28.15 -16.47
CA SER D 156 -4.92 -28.22 -17.92
C SER D 156 -4.35 -29.58 -18.31
N GLN D 157 -3.66 -30.24 -17.38
CA GLN D 157 -3.04 -31.56 -17.61
C GLN D 157 -1.94 -31.42 -18.67
N ALA D 158 -0.98 -30.57 -18.34
CA ALA D 158 0.07 -30.17 -19.26
C ALA D 158 1.31 -29.77 -18.48
N LEU D 159 2.45 -29.87 -19.15
CA LEU D 159 3.72 -29.45 -18.61
C LEU D 159 4.10 -28.11 -19.24
N GLU D 160 4.46 -27.16 -18.38
CA GLU D 160 4.96 -25.86 -18.78
C GLU D 160 6.51 -25.88 -18.62
N PRO D 161 7.27 -25.58 -19.70
CA PRO D 161 8.74 -25.46 -19.62
C PRO D 161 9.20 -24.44 -18.61
N VAL D 162 10.14 -24.81 -17.74
CA VAL D 162 10.64 -23.92 -16.70
C VAL D 162 12.12 -23.62 -16.89
N ALA D 163 12.98 -24.63 -16.96
CA ALA D 163 14.42 -24.37 -17.08
C ALA D 163 15.22 -25.37 -17.93
N THR D 164 16.23 -24.83 -18.60
CA THR D 164 17.16 -25.59 -19.41
C THR D 164 18.52 -25.78 -18.73
N CYS D 165 18.55 -25.78 -17.40
CA CYS D 165 19.73 -26.20 -16.66
C CYS D 165 20.01 -27.67 -16.98
N ASN D 166 21.27 -28.07 -16.92
CA ASN D 166 21.63 -29.45 -17.22
C ASN D 166 21.21 -30.39 -16.09
N THR D 167 21.28 -31.67 -16.41
CA THR D 167 20.82 -32.73 -15.55
C THR D 167 21.70 -32.86 -14.28
N GLN D 168 23.02 -32.65 -14.39
CA GLN D 168 23.94 -32.75 -13.23
C GLN D 168 23.75 -31.61 -12.21
N SER D 169 23.41 -30.40 -12.66
CA SER D 169 23.13 -29.27 -11.74
C SER D 169 21.89 -29.47 -10.87
N LEU D 170 20.81 -29.97 -11.48
CA LEU D 170 19.59 -30.27 -10.74
C LEU D 170 19.82 -31.35 -9.74
N TYR D 171 20.49 -32.41 -10.16
CA TYR D 171 20.79 -33.55 -9.31
C TYR D 171 21.60 -33.13 -8.08
N ARG D 172 22.60 -32.28 -8.32
CA ARG D 172 23.48 -31.80 -7.26
C ARG D 172 22.68 -30.96 -6.26
N SER D 173 21.80 -30.09 -6.77
CA SER D 173 20.99 -29.21 -5.91
C SER D 173 19.96 -29.97 -5.08
N LEU D 174 19.28 -30.90 -5.73
CA LEU D 174 18.23 -31.69 -5.08
C LEU D 174 18.72 -32.76 -4.09
N SER D 175 19.92 -33.30 -4.30
CA SER D 175 20.41 -34.46 -3.52
C SER D 175 21.24 -34.08 -2.29
N GLY D 176 21.56 -32.79 -2.15
CA GLY D 176 22.28 -32.26 -1.01
C GLY D 176 23.57 -32.99 -0.73
N GLY D 177 23.83 -33.25 0.55
CA GLY D 177 25.08 -33.93 0.95
C GLY D 177 25.03 -35.43 0.90
N ASP D 178 23.88 -36.05 0.68
CA ASP D 178 23.72 -37.50 0.84
C ASP D 178 23.50 -38.20 -0.50
N SER D 179 24.12 -37.66 -1.55
CA SER D 179 23.86 -38.11 -2.92
C SER D 179 24.44 -39.50 -3.23
N GLU D 180 25.54 -39.88 -2.58
CA GLU D 180 26.10 -41.21 -2.81
C GLU D 180 25.16 -42.32 -2.33
N ARG D 181 24.58 -42.12 -1.14
CA ARG D 181 23.57 -43.06 -0.62
C ARG D 181 22.31 -43.04 -1.46
N LEU D 182 21.90 -41.85 -1.92
CA LEU D 182 20.74 -41.73 -2.83
C LEU D 182 20.90 -42.50 -4.14
N GLY D 183 22.10 -42.50 -4.71
CA GLY D 183 22.34 -43.12 -6.01
C GLY D 183 21.86 -42.18 -7.11
N LYS D 184 21.29 -42.77 -8.17
CA LYS D 184 20.93 -42.06 -9.38
C LYS D 184 19.45 -42.28 -9.76
N PRO D 185 18.55 -41.41 -9.26
CA PRO D 185 17.15 -41.47 -9.67
C PRO D 185 16.92 -40.93 -11.09
N HIS D 186 15.80 -41.32 -11.69
CA HIS D 186 15.44 -40.85 -13.02
C HIS D 186 14.91 -39.44 -13.00
N PHE D 187 14.04 -39.16 -12.05
CA PHE D 187 13.46 -37.85 -11.93
C PHE D 187 13.03 -37.56 -10.49
N ALA D 188 12.70 -36.29 -10.26
CA ALA D 188 12.14 -35.84 -9.00
C ALA D 188 10.91 -34.96 -9.23
N LEU D 189 10.01 -34.96 -8.24
CA LEU D 189 8.98 -33.93 -8.11
C LEU D 189 9.40 -32.99 -6.99
N VAL D 190 9.20 -31.68 -7.21
CA VAL D 190 9.47 -30.68 -6.20
C VAL D 190 8.14 -29.94 -5.92
N TYR D 191 7.73 -29.93 -4.64
CA TYR D 191 6.43 -29.37 -4.23
C TYR D 191 6.72 -28.04 -3.58
N CYS D 192 6.03 -27.02 -4.03
CA CYS D 192 6.43 -25.65 -3.73
C CYS D 192 5.27 -24.81 -3.25
N ILE D 193 5.47 -24.09 -2.15
CA ILE D 193 4.46 -23.20 -1.60
C ILE D 193 4.59 -21.82 -2.25
N ILE D 194 3.48 -21.26 -2.73
CA ILE D 194 3.42 -19.85 -3.11
C ILE D 194 2.86 -19.17 -1.89
N PHE D 195 3.71 -18.40 -1.21
CA PHE D 195 3.39 -17.89 0.13
C PHE D 195 2.08 -17.10 0.12
N GLU D 196 1.98 -16.15 -0.79
CA GLU D 196 0.80 -15.26 -0.79
C GLU D 196 -0.49 -15.98 -1.15
N LYS D 197 -0.40 -17.03 -1.96
CA LYS D 197 -1.56 -17.86 -2.24
C LYS D 197 -2.00 -18.65 -0.99
N ALA D 198 -1.03 -19.11 -0.21
CA ALA D 198 -1.33 -19.85 1.04
C ALA D 198 -1.85 -18.94 2.12
N LEU D 199 -1.50 -17.65 2.07
CA LEU D 199 -1.83 -16.73 3.17
C LEU D 199 -3.00 -15.77 2.97
N PHE D 200 -3.33 -15.49 1.71
CA PHE D 200 -4.22 -14.35 1.44
C PHE D 200 -5.62 -14.42 2.04
N LYS D 201 -6.18 -15.61 2.12
CA LYS D 201 -7.52 -15.80 2.61
C LYS D 201 -7.58 -16.09 4.10
N TYR D 202 -6.78 -17.04 4.58
CA TYR D 202 -6.90 -17.57 5.94
C TYR D 202 -5.82 -17.09 6.91
N ARG D 203 -4.88 -16.29 6.40
CA ARG D 203 -3.77 -15.77 7.17
C ARG D 203 -2.87 -16.93 7.66
N TYR D 204 -2.37 -16.86 8.88
CA TYR D 204 -1.38 -17.85 9.38
C TYR D 204 -1.81 -19.29 9.25
N ARG D 205 -3.08 -19.56 9.55
CA ARG D 205 -3.62 -20.91 9.43
C ARG D 205 -3.48 -21.45 8.01
N GLY D 206 -3.49 -20.57 7.01
CA GLY D 206 -3.27 -21.00 5.63
C GLY D 206 -1.92 -21.65 5.35
N TYR D 207 -0.86 -21.21 6.03
CA TYR D 207 0.46 -21.85 5.92
C TYR D 207 0.40 -23.30 6.36
N ARG D 208 -0.20 -23.51 7.52
CA ARG D 208 -0.44 -24.83 8.05
C ARG D 208 -1.21 -25.69 7.03
N MET D 209 -2.28 -25.13 6.47
CA MET D 209 -3.09 -25.81 5.44
C MET D 209 -2.26 -26.16 4.21
N ALA D 210 -1.40 -25.22 3.78
CA ALA D 210 -0.55 -25.44 2.60
C ALA D 210 0.46 -26.59 2.78
N LEU D 211 1.12 -26.61 3.94
CA LEU D 211 2.10 -27.68 4.26
C LEU D 211 1.44 -29.06 4.33
N MET D 212 0.25 -29.10 4.93
CA MET D 212 -0.56 -30.32 4.98
C MET D 212 -0.98 -30.77 3.58
N GLU D 213 -1.41 -29.82 2.76
CA GLU D 213 -1.74 -30.12 1.39
C GLU D 213 -0.56 -30.75 0.65
N THR D 214 0.63 -30.26 0.89
CA THR D 214 1.83 -30.83 0.27
C THR D 214 1.93 -32.34 0.55
N GLY D 215 1.57 -32.74 1.77
CA GLY D 215 1.61 -34.14 2.17
C GLY D 215 0.53 -34.99 1.52
N SER D 216 -0.66 -34.43 1.36
CA SER D 216 -1.70 -35.12 0.60
C SER D 216 -1.22 -35.39 -0.81
N MET D 217 -0.48 -34.45 -1.40
CA MET D 217 0.00 -34.59 -2.78
C MET D 217 1.08 -35.63 -2.95
N TYR D 218 2.16 -35.55 -2.17
CA TYR D 218 3.18 -36.58 -2.29
C TYR D 218 2.67 -37.96 -1.95
N GLN D 219 1.65 -38.04 -1.09
CA GLN D 219 1.07 -39.33 -0.72
C GLN D 219 0.39 -39.99 -1.90
N ASN D 220 -0.45 -39.25 -2.61
CA ASN D 220 -1.00 -39.72 -3.88
C ASN D 220 0.13 -40.18 -4.82
N ALA D 221 1.23 -39.42 -4.88
CA ALA D 221 2.36 -39.83 -5.73
C ALA D 221 3.01 -41.14 -5.27
N VAL D 222 3.15 -41.33 -3.96
CA VAL D 222 3.63 -42.58 -3.37
C VAL D 222 2.77 -43.76 -3.80
N LEU D 223 1.47 -43.60 -3.66
CA LEU D 223 0.55 -44.68 -3.93
C LEU D 223 0.51 -45.00 -5.41
N VAL D 224 0.49 -43.96 -6.24
CA VAL D 224 0.47 -44.14 -7.69
C VAL D 224 1.77 -44.80 -8.16
N ALA D 225 2.89 -44.29 -7.64
CA ALA D 225 4.22 -44.82 -7.92
C ALA D 225 4.34 -46.32 -7.67
N ASP D 226 3.81 -46.76 -6.54
CA ASP D 226 3.79 -48.19 -6.21
C ASP D 226 3.00 -49.02 -7.23
N GLN D 227 1.86 -48.50 -7.70
CA GLN D 227 1.02 -49.24 -8.67
C GLN D 227 1.58 -49.29 -10.07
N ILE D 228 2.43 -48.36 -10.45
CA ILE D 228 2.98 -48.34 -11.82
C ILE D 228 4.41 -48.87 -11.90
N GLY D 229 4.95 -49.38 -10.78
CA GLY D 229 6.28 -50.02 -10.76
C GLY D 229 7.47 -49.09 -10.53
N LEU D 230 7.26 -47.88 -10.00
CA LEU D 230 8.35 -46.97 -9.67
C LEU D 230 8.66 -47.11 -8.21
N LYS D 231 9.93 -47.00 -7.85
CA LYS D 231 10.32 -46.77 -6.45
C LYS D 231 10.32 -45.29 -6.24
N ASN D 232 10.11 -44.86 -4.98
CA ASN D 232 10.22 -43.43 -4.64
C ASN D 232 10.73 -43.20 -3.22
N ARG D 233 11.19 -41.98 -2.98
CA ARG D 233 11.57 -41.52 -1.65
C ARG D 233 11.31 -40.00 -1.50
N VAL D 234 10.45 -39.65 -0.57
CA VAL D 234 10.33 -38.26 -0.09
C VAL D 234 11.64 -37.90 0.59
N TRP D 235 12.06 -36.67 0.41
CA TRP D 235 13.43 -36.28 0.66
C TRP D 235 13.50 -34.84 1.14
N ALA D 236 14.13 -34.65 2.28
CA ALA D 236 14.29 -33.36 2.90
C ALA D 236 15.75 -32.89 2.93
N GLY D 237 16.66 -33.72 2.46
CA GLY D 237 18.10 -33.41 2.48
C GLY D 237 18.59 -32.58 1.31
N TYR D 238 18.12 -31.34 1.23
CA TYR D 238 18.54 -30.47 0.15
C TYR D 238 18.68 -29.04 0.66
N THR D 239 19.51 -28.28 -0.05
CA THR D 239 19.66 -26.87 0.21
C THR D 239 18.52 -26.12 -0.48
N ASP D 240 17.55 -25.65 0.30
CA ASP D 240 16.35 -24.99 -0.24
C ASP D 240 16.64 -23.86 -1.24
N SER D 241 17.49 -22.92 -0.87
CA SER D 241 17.75 -21.77 -1.75
C SER D 241 18.45 -22.16 -3.06
N TYR D 242 19.27 -23.21 -3.02
CA TYR D 242 20.05 -23.67 -4.15
C TYR D 242 19.15 -24.42 -5.14
N VAL D 243 18.25 -25.24 -4.62
CA VAL D 243 17.19 -25.83 -5.42
C VAL D 243 16.34 -24.75 -6.11
N ALA D 244 15.89 -23.76 -5.33
CA ALA D 244 15.12 -22.65 -5.89
C ALA D 244 15.84 -21.94 -7.05
N LYS D 245 17.09 -21.57 -6.83
CA LYS D 245 17.92 -20.87 -7.81
C LYS D 245 18.07 -21.71 -9.08
N THR D 246 18.29 -23.02 -8.89
CA THR D 246 18.60 -23.92 -10.00
C THR D 246 17.37 -24.06 -10.92
N MET D 247 16.20 -24.08 -10.30
CA MET D 247 14.89 -24.09 -10.95
C MET D 247 14.38 -22.72 -11.43
N ASN D 248 15.17 -21.66 -11.20
CA ASN D 248 14.80 -20.28 -11.53
C ASN D 248 13.53 -19.78 -10.85
N LEU D 249 13.29 -20.29 -9.65
CA LEU D 249 12.21 -19.80 -8.79
C LEU D 249 12.63 -18.51 -8.06
N ASP D 250 11.64 -17.66 -7.84
CA ASP D 250 11.83 -16.45 -7.08
C ASP D 250 11.47 -16.72 -5.62
N GLN D 251 12.51 -16.76 -4.77
CA GLN D 251 12.36 -17.09 -3.34
C GLN D 251 11.51 -16.09 -2.56
N ARG D 252 11.31 -14.89 -3.10
CA ARG D 252 10.36 -13.95 -2.49
C ARG D 252 8.89 -14.40 -2.58
N THR D 253 8.58 -15.23 -3.57
CA THR D 253 7.23 -15.67 -3.83
C THR D 253 6.98 -17.14 -3.52
N VAL D 254 7.96 -17.99 -3.85
CA VAL D 254 7.75 -19.43 -3.88
C VAL D 254 8.94 -20.14 -3.25
N ALA D 255 8.70 -21.21 -2.50
CA ALA D 255 9.78 -21.98 -1.90
C ALA D 255 9.50 -23.47 -1.99
N PRO D 256 10.55 -24.26 -2.21
CA PRO D 256 10.46 -25.73 -2.18
C PRO D 256 10.27 -26.26 -0.75
N LEU D 257 9.15 -26.93 -0.51
CA LEU D 257 8.86 -27.57 0.77
C LEU D 257 9.47 -28.95 0.91
N ILE D 258 9.45 -29.72 -0.17
CA ILE D 258 9.90 -31.08 -0.16
C ILE D 258 10.15 -31.57 -1.59
N VAL D 259 11.15 -32.44 -1.71
CA VAL D 259 11.53 -33.12 -2.94
C VAL D 259 11.10 -34.59 -2.80
N GLN D 260 10.80 -35.23 -3.92
CA GLN D 260 10.43 -36.65 -3.94
C GLN D 260 11.12 -37.26 -5.14
N PHE D 261 11.97 -38.26 -4.88
CA PHE D 261 12.75 -38.90 -5.94
C PHE D 261 12.02 -40.12 -6.47
N PHE D 262 12.19 -40.39 -7.77
CA PHE D 262 11.59 -41.54 -8.43
C PHE D 262 12.55 -42.26 -9.37
N GLY D 263 12.45 -43.57 -9.41
CA GLY D 263 13.26 -44.37 -10.30
C GLY D 263 13.16 -45.85 -10.04
N ASP D 264 14.21 -46.56 -10.45
CA ASP D 264 14.37 -48.00 -10.20
C ASP D 264 15.42 -48.24 -9.10
N VAL D 265 15.40 -49.44 -8.53
CA VAL D 265 16.39 -49.90 -7.57
C VAL D 265 16.86 -51.30 -8.00
N ASN D 266 18.17 -51.42 -8.32
CA ASN D 266 18.79 -52.66 -8.87
C ASN D 266 20.18 -52.89 -8.30
N MET E 1 3.39 -8.46 -2.32
CA MET E 1 4.47 -7.81 -1.51
C MET E 1 4.28 -6.31 -1.49
N ILE E 2 4.96 -5.69 -0.52
CA ILE E 2 4.81 -4.29 -0.14
C ILE E 2 3.47 -4.09 0.54
N ASN E 3 2.39 -4.08 -0.23
CA ASN E 3 1.02 -4.10 0.27
C ASN E 3 0.75 -3.00 1.32
N VAL E 4 0.95 -1.76 0.91
CA VAL E 4 0.63 -0.59 1.71
C VAL E 4 -0.79 -0.15 1.33
N TYR E 5 -1.67 -0.15 2.34
CA TYR E 5 -3.08 0.21 2.25
C TYR E 5 -3.31 1.54 2.95
N SER E 6 -4.02 2.46 2.34
CA SER E 6 -4.33 3.74 2.99
C SER E 6 -5.86 3.91 3.15
N ASN E 7 -6.25 4.54 4.25
CA ASN E 7 -7.61 5.03 4.46
C ASN E 7 -8.07 5.91 3.27
N LEU E 8 -9.36 5.83 2.94
CA LEU E 8 -9.89 6.61 1.82
C LEU E 8 -9.68 8.13 2.03
N MET E 9 -9.70 8.57 3.29
CA MET E 9 -9.39 9.95 3.68
C MET E 9 -7.88 10.32 3.80
N SER E 10 -7.00 9.33 3.63
CA SER E 10 -5.57 9.57 3.52
C SER E 10 -5.25 10.35 2.27
N ALA E 11 -4.16 11.12 2.34
CA ALA E 11 -3.52 11.73 1.16
C ALA E 11 -3.01 10.69 0.19
N TRP E 12 -2.65 9.53 0.70
CA TRP E 12 -2.01 8.49 -0.08
C TRP E 12 -3.03 7.54 -0.73
N PRO E 13 -2.64 6.85 -1.80
CA PRO E 13 -3.61 6.09 -2.56
C PRO E 13 -4.06 4.82 -1.85
N ALA E 14 -5.14 4.24 -2.35
CA ALA E 14 -5.75 3.07 -1.71
C ALA E 14 -4.77 1.95 -1.48
N THR E 15 -4.03 1.57 -2.52
CA THR E 15 -3.15 0.42 -2.43
C THR E 15 -1.88 0.58 -3.25
N MET E 16 -0.81 -0.05 -2.79
CA MET E 16 0.46 -0.19 -3.51
C MET E 16 0.88 -1.64 -3.32
N ALA E 17 1.19 -2.33 -4.40
CA ALA E 17 1.65 -3.72 -4.32
C ALA E 17 2.70 -4.03 -5.37
N MET E 18 3.68 -4.83 -4.95
CA MET E 18 4.61 -5.47 -5.86
C MET E 18 4.08 -6.87 -6.01
N SER E 19 3.90 -7.30 -7.24
CA SER E 19 3.25 -8.56 -7.51
C SER E 19 4.23 -9.74 -7.33
N PRO E 20 3.80 -10.82 -6.65
CA PRO E 20 4.63 -12.02 -6.68
C PRO E 20 4.71 -12.60 -8.09
N LYS E 21 5.76 -13.35 -8.34
CA LYS E 21 5.99 -14.06 -9.58
C LYS E 21 6.77 -15.35 -9.25
N LEU E 22 6.47 -16.43 -9.96
CA LEU E 22 7.20 -17.66 -9.77
C LEU E 22 8.62 -17.54 -10.33
N ASN E 23 8.78 -16.82 -11.43
CA ASN E 23 10.01 -16.88 -12.25
C ASN E 23 10.95 -15.73 -11.89
N ARG E 24 12.14 -16.05 -11.40
CA ARG E 24 13.08 -15.00 -10.98
C ARG E 24 13.59 -14.16 -12.14
N ASN E 25 13.56 -14.74 -13.33
CA ASN E 25 13.97 -14.07 -14.56
C ASN E 25 12.86 -13.32 -15.33
N MET E 26 11.64 -13.24 -14.80
CA MET E 26 10.64 -12.33 -15.38
C MET E 26 10.78 -11.00 -14.64
N PRO E 27 10.43 -9.88 -15.30
CA PRO E 27 10.43 -8.59 -14.60
C PRO E 27 9.42 -8.54 -13.47
N THR E 28 9.72 -7.71 -12.50
CA THR E 28 8.85 -7.41 -11.41
C THR E 28 7.85 -6.37 -11.89
N PHE E 29 6.60 -6.54 -11.48
CA PHE E 29 5.49 -5.65 -11.82
C PHE E 29 4.96 -5.05 -10.52
N SER E 30 4.88 -3.73 -10.47
CA SER E 30 4.35 -3.03 -9.30
C SER E 30 3.21 -2.12 -9.71
N GLN E 31 2.23 -1.95 -8.83
CA GLN E 31 1.01 -1.25 -9.17
C GLN E 31 0.40 -0.49 -7.99
N ILE E 32 -0.06 0.73 -8.25
CA ILE E 32 -0.83 1.49 -7.30
C ILE E 32 -2.25 1.60 -7.83
N TRP E 33 -3.23 1.21 -7.02
CA TRP E 33 -4.63 1.43 -7.35
C TRP E 33 -5.16 2.56 -6.46
N ASP E 34 -5.96 3.46 -7.04
CA ASP E 34 -6.50 4.62 -6.32
C ASP E 34 -7.93 4.95 -6.77
N TYR E 35 -8.84 3.98 -6.62
CA TYR E 35 -10.23 4.07 -7.01
C TYR E 35 -10.31 4.45 -8.49
N GLU E 36 -11.11 5.45 -8.85
CA GLU E 36 -11.14 5.94 -10.21
C GLU E 36 -10.75 7.41 -10.22
N ARG E 37 -9.93 7.80 -9.22
CA ARG E 37 -9.34 9.14 -9.19
C ARG E 37 -8.41 9.31 -10.40
N ILE E 38 -7.59 8.27 -10.62
CA ILE E 38 -6.85 8.01 -11.87
C ILE E 38 -6.99 6.53 -12.18
N THR E 39 -6.54 6.13 -13.36
CA THR E 39 -6.44 4.72 -13.72
C THR E 39 -5.20 4.17 -13.01
N PRO E 40 -5.16 2.87 -12.69
CA PRO E 40 -4.01 2.30 -11.95
C PRO E 40 -2.64 2.65 -12.52
N ALA E 41 -1.71 3.04 -11.67
CA ALA E 41 -0.36 3.39 -12.08
C ALA E 41 0.53 2.18 -11.89
N SER E 42 1.28 1.80 -12.93
CA SER E 42 2.16 0.65 -12.82
C SER E 42 3.49 0.85 -13.53
N ALA E 43 4.46 0.02 -13.13
CA ALA E 43 5.76 -0.07 -13.79
C ALA E 43 6.28 -1.49 -13.68
N ALA E 44 7.11 -1.85 -14.65
CA ALA E 44 7.76 -3.15 -14.67
C ALA E 44 9.26 -3.01 -14.91
N GLY E 45 10.03 -4.00 -14.46
CA GLY E 45 11.49 -4.07 -14.72
C GLY E 45 12.22 -4.75 -13.57
N GLU E 46 13.49 -4.38 -13.38
CA GLU E 46 14.17 -4.73 -12.12
C GLU E 46 13.33 -4.25 -10.92
N THR E 47 13.39 -5.01 -9.84
CA THR E 47 12.53 -4.78 -8.67
C THR E 47 12.41 -3.34 -8.17
N LEU E 48 13.53 -2.71 -7.83
CA LEU E 48 13.52 -1.35 -7.28
C LEU E 48 12.99 -0.34 -8.30
N LYS E 49 13.41 -0.46 -9.56
CA LYS E 49 12.92 0.41 -10.65
C LYS E 49 11.43 0.23 -10.83
N SER E 50 10.93 -1.00 -10.71
CA SER E 50 9.50 -1.25 -10.82
C SER E 50 8.72 -0.52 -9.70
N ILE E 51 9.24 -0.59 -8.47
CA ILE E 51 8.63 0.09 -7.34
C ILE E 51 8.71 1.60 -7.53
N GLN E 52 9.90 2.10 -7.90
CA GLN E 52 10.10 3.53 -8.13
C GLN E 52 9.22 4.07 -9.27
N GLY E 53 9.17 3.31 -10.35
CA GLY E 53 8.39 3.61 -11.54
C GLY E 53 6.91 3.68 -11.23
N ALA E 54 6.39 2.73 -10.45
CA ALA E 54 4.96 2.77 -10.05
C ALA E 54 4.63 3.98 -9.21
N ILE E 55 5.51 4.28 -8.23
CA ILE E 55 5.32 5.46 -7.36
C ILE E 55 5.30 6.73 -8.24
N GLY E 56 6.29 6.84 -9.13
CA GLY E 56 6.45 8.00 -10.00
C GLY E 56 5.36 8.15 -11.03
N GLU E 57 4.90 7.03 -11.57
CA GLU E 57 3.78 7.00 -12.51
C GLU E 57 2.54 7.53 -11.78
N TYR E 58 2.37 7.11 -10.52
CA TYR E 58 1.25 7.57 -9.71
C TYR E 58 1.33 9.07 -9.44
N PHE E 59 2.47 9.55 -8.94
CA PHE E 59 2.63 10.98 -8.71
C PHE E 59 2.36 11.78 -9.99
N GLU E 60 2.96 11.35 -11.09
CA GLU E 60 2.77 12.01 -12.38
C GLU E 60 1.30 12.15 -12.77
N ARG E 61 0.61 11.03 -12.83
CA ARG E 61 -0.76 11.02 -13.28
C ARG E 61 -1.71 11.76 -12.34
N ARG E 62 -1.48 11.60 -11.03
CA ARG E 62 -2.27 12.31 -10.04
C ARG E 62 -2.13 13.81 -10.28
N HIS E 63 -0.92 14.28 -10.52
CA HIS E 63 -0.68 15.71 -10.68
C HIS E 63 -1.45 16.28 -11.89
N PHE E 64 -1.21 15.69 -13.07
CA PHE E 64 -1.80 16.21 -14.31
C PHE E 64 -3.32 15.96 -14.40
N PHE E 65 -3.81 14.83 -13.87
CA PHE E 65 -5.26 14.53 -13.88
C PHE E 65 -6.06 15.20 -12.76
N ASN E 66 -5.48 15.36 -11.56
CA ASN E 66 -6.29 15.70 -10.36
C ASN E 66 -5.90 16.96 -9.62
N GLU E 67 -4.75 17.56 -9.90
CA GLU E 67 -4.13 18.51 -8.96
C GLU E 67 -3.67 19.90 -9.47
N ILE E 68 -3.88 20.22 -10.76
CA ILE E 68 -3.37 21.49 -11.28
C ILE E 68 -4.33 22.60 -10.87
N VAL E 69 -3.78 23.68 -10.34
CA VAL E 69 -4.52 24.93 -10.22
C VAL E 69 -3.77 25.95 -11.08
N THR E 70 -4.50 26.61 -11.98
CA THR E 70 -3.92 27.59 -12.91
C THR E 70 -3.54 28.88 -12.20
N GLY E 71 -2.59 29.59 -12.80
CA GLY E 71 -1.91 30.69 -12.13
C GLY E 71 -2.50 32.06 -12.39
N GLY E 72 -3.51 32.11 -13.26
CA GLY E 72 -4.04 33.36 -13.70
C GLY E 72 -4.64 33.21 -15.07
N GLN E 73 -4.78 34.34 -15.76
CA GLN E 73 -5.57 34.40 -16.96
C GLN E 73 -5.01 35.52 -17.84
N LYS E 74 -4.65 35.16 -19.07
CA LYS E 74 -3.96 36.07 -19.99
C LYS E 74 -4.21 35.62 -21.40
N THR E 75 -4.16 36.57 -22.32
CA THR E 75 -4.10 36.26 -23.73
C THR E 75 -2.74 35.70 -24.10
N LEU E 76 -2.61 35.19 -25.32
CA LEU E 76 -1.37 34.51 -25.72
C LEU E 76 -0.17 35.47 -25.74
N TYR E 77 -0.36 36.69 -26.25
CA TYR E 77 0.72 37.69 -26.37
C TYR E 77 1.10 38.38 -25.05
N GLU E 78 0.22 38.36 -24.05
CA GLU E 78 0.58 38.79 -22.68
C GLU E 78 1.41 37.72 -21.98
N MET E 79 1.11 36.47 -22.34
CA MET E 79 1.57 35.27 -21.64
C MET E 79 3.02 34.90 -21.94
N MET E 80 3.49 35.25 -23.13
CA MET E 80 4.77 34.80 -23.66
C MET E 80 5.29 35.78 -24.72
N PRO E 81 6.54 35.59 -25.20
CA PRO E 81 7.04 36.41 -26.32
C PRO E 81 6.25 36.21 -27.62
N PRO E 82 6.28 37.20 -28.51
CA PRO E 82 5.37 37.22 -29.66
C PRO E 82 5.49 36.05 -30.65
N SER E 83 6.70 35.58 -30.95
CA SER E 83 6.86 34.44 -31.89
C SER E 83 6.42 33.09 -31.25
N ALA E 84 6.51 32.97 -29.93
CA ALA E 84 5.92 31.83 -29.24
C ALA E 84 4.38 31.90 -29.32
N ALA E 85 3.82 33.07 -29.04
CA ALA E 85 2.36 33.27 -29.11
C ALA E 85 1.81 33.00 -30.53
N LYS E 86 2.57 33.37 -31.55
CA LYS E 86 2.18 33.17 -32.96
C LYS E 86 2.16 31.67 -33.27
N ALA E 87 3.17 30.93 -32.82
CA ALA E 87 3.19 29.50 -33.04
C ALA E 87 2.01 28.78 -32.35
N PHE E 88 1.65 29.22 -31.15
CA PHE E 88 0.46 28.67 -30.46
C PHE E 88 -0.83 29.02 -31.23
N THR E 89 -0.93 30.26 -31.71
CA THR E 89 -2.10 30.70 -32.49
C THR E 89 -2.35 29.81 -33.71
N GLU E 90 -1.27 29.49 -34.42
CA GLU E 90 -1.33 28.62 -35.61
C GLU E 90 -1.59 27.15 -35.26
N ALA E 91 -1.12 26.69 -34.11
CA ALA E 91 -1.53 25.38 -33.64
C ALA E 91 -3.05 25.37 -33.36
N PHE E 92 -3.51 26.26 -32.47
CA PHE E 92 -4.93 26.35 -32.09
C PHE E 92 -5.89 26.62 -33.25
N PHE E 93 -5.43 27.30 -34.31
CA PHE E 93 -6.31 27.60 -35.48
C PHE E 93 -6.67 26.32 -36.24
N GLN E 94 -5.77 25.33 -36.24
CA GLN E 94 -6.06 24.01 -36.83
C GLN E 94 -6.93 23.13 -35.92
N ILE E 95 -6.91 23.40 -34.62
CA ILE E 95 -7.48 22.51 -33.60
C ILE E 95 -9.00 22.70 -33.49
N SER E 96 -9.46 23.95 -33.40
CA SER E 96 -10.89 24.26 -33.41
C SER E 96 -11.26 24.85 -34.77
N SER E 97 -12.53 25.15 -34.95
CA SER E 97 -12.96 25.92 -36.11
C SER E 97 -12.85 27.43 -35.86
N LEU E 98 -12.42 27.85 -34.66
CA LEU E 98 -12.45 29.27 -34.27
C LEU E 98 -11.40 30.10 -35.03
N THR E 99 -11.73 31.39 -35.17
CA THR E 99 -10.92 32.31 -35.98
C THR E 99 -9.64 32.72 -35.22
N ARG E 100 -8.67 33.25 -35.97
CA ARG E 100 -7.41 33.77 -35.39
C ARG E 100 -7.67 34.93 -34.43
N ASP E 101 -8.65 35.77 -34.78
CA ASP E 101 -9.04 36.88 -33.91
C ASP E 101 -9.60 36.38 -32.57
N GLU E 102 -10.50 35.41 -32.64
N GLU E 102 -10.50 35.41 -32.62
CA GLU E 102 -11.06 34.75 -31.47
CA GLU E 102 -11.04 34.80 -31.39
C GLU E 102 -9.97 34.08 -30.61
C GLU E 102 -9.96 34.09 -30.58
N ILE E 103 -8.99 33.47 -31.26
CA ILE E 103 -7.85 32.83 -30.55
C ILE E 103 -6.95 33.86 -29.83
N ILE E 104 -6.65 34.99 -30.47
CA ILE E 104 -5.71 35.94 -29.86
C ILE E 104 -6.31 36.85 -28.80
N THR E 105 -7.62 37.08 -28.82
CA THR E 105 -8.28 37.89 -27.77
C THR E 105 -8.84 37.05 -26.63
N HIS E 106 -8.74 35.72 -26.72
CA HIS E 106 -9.25 34.87 -25.65
C HIS E 106 -8.26 34.84 -24.49
N LYS E 107 -8.77 35.03 -23.28
CA LYS E 107 -7.96 34.97 -22.07
C LYS E 107 -7.83 33.51 -21.62
N PHE E 108 -6.67 32.90 -21.89
CA PHE E 108 -6.41 31.50 -21.51
C PHE E 108 -5.94 31.40 -20.07
N LYS E 109 -6.35 30.33 -19.41
CA LYS E 109 -5.80 29.96 -18.12
C LYS E 109 -4.33 29.61 -18.35
N THR E 110 -3.48 30.06 -17.42
CA THR E 110 -2.03 29.99 -17.56
C THR E 110 -1.42 29.02 -16.58
N VAL E 111 -0.29 28.47 -17.00
CA VAL E 111 0.63 27.74 -16.14
C VAL E 111 2.05 28.23 -16.37
N ARG E 112 2.89 28.10 -15.36
CA ARG E 112 4.29 28.45 -15.46
C ARG E 112 5.04 27.55 -16.47
N ALA E 113 6.06 28.13 -17.09
CA ALA E 113 6.96 27.41 -18.01
C ALA E 113 8.24 28.20 -18.21
N PHE E 114 9.25 27.53 -18.72
CA PHE E 114 10.39 28.21 -19.30
C PHE E 114 10.74 27.63 -20.65
N ASN E 115 11.35 28.45 -21.50
CA ASN E 115 11.81 28.01 -22.83
C ASN E 115 12.96 26.99 -22.64
N LEU E 116 12.86 25.85 -23.32
CA LEU E 116 13.84 24.75 -23.18
C LEU E 116 15.29 25.18 -23.42
N PHE E 117 15.48 26.17 -24.31
CA PHE E 117 16.81 26.56 -24.75
C PHE E 117 17.36 27.81 -24.09
N SER E 118 16.55 28.85 -23.93
CA SER E 118 17.00 30.15 -23.36
C SER E 118 16.74 30.28 -21.86
N LEU E 119 16.02 29.30 -21.31
CA LEU E 119 15.49 29.35 -19.95
C LEU E 119 14.60 30.55 -19.64
N GLU E 120 14.16 31.30 -20.65
CA GLU E 120 13.31 32.48 -20.42
C GLU E 120 12.00 32.03 -19.78
N GLN E 121 11.64 32.71 -18.69
CA GLN E 121 10.42 32.44 -17.99
C GLN E 121 9.21 32.97 -18.74
N GLN E 122 8.15 32.16 -18.78
CA GLN E 122 6.89 32.57 -19.38
C GLN E 122 5.73 31.73 -18.80
N GLU E 123 4.57 31.88 -19.43
CA GLU E 123 3.45 30.97 -19.24
C GLU E 123 3.01 30.38 -20.57
N ILE E 124 2.32 29.26 -20.47
CA ILE E 124 1.65 28.62 -21.60
C ILE E 124 0.22 28.28 -21.23
N PRO E 125 -0.60 27.94 -22.24
CA PRO E 125 -1.98 27.60 -21.92
C PRO E 125 -2.12 26.38 -21.04
N ALA E 126 -2.83 26.54 -19.93
CA ALA E 126 -3.10 25.47 -18.96
C ALA E 126 -3.94 24.33 -19.56
N VAL E 127 -4.78 24.68 -20.55
CA VAL E 127 -5.64 23.72 -21.24
C VAL E 127 -4.90 22.55 -21.95
N ILE E 128 -3.64 22.76 -22.31
CA ILE E 128 -2.78 21.72 -22.90
C ILE E 128 -2.22 20.74 -21.85
N ILE E 129 -2.09 21.19 -20.61
CA ILE E 129 -1.41 20.46 -19.53
C ILE E 129 -2.33 19.66 -18.60
N ALA E 130 -3.47 20.23 -18.23
CA ALA E 130 -4.41 19.63 -17.27
C ALA E 130 -5.35 18.63 -17.94
N LEU E 131 -5.48 17.43 -17.38
CA LEU E 131 -6.28 16.37 -18.00
C LEU E 131 -7.70 16.23 -17.48
N ASP E 132 -8.03 16.94 -16.41
CA ASP E 132 -9.41 17.11 -15.98
C ASP E 132 -10.17 18.20 -16.80
N ASN E 133 -11.49 18.22 -16.69
CA ASN E 133 -12.34 19.16 -17.47
C ASN E 133 -12.71 20.45 -16.74
N ILE E 134 -12.21 20.63 -15.52
CA ILE E 134 -12.57 21.76 -14.67
C ILE E 134 -11.51 22.87 -14.70
N THR E 135 -10.24 22.48 -14.57
CA THR E 135 -9.13 23.43 -14.46
C THR E 135 -9.17 24.55 -15.50
N ALA E 136 -9.36 24.18 -16.76
CA ALA E 136 -9.45 25.17 -17.85
C ALA E 136 -10.71 24.95 -18.68
N ALA E 137 -11.81 24.72 -17.96
CA ALA E 137 -13.11 24.47 -18.56
C ALA E 137 -13.45 25.41 -19.70
N ASP E 138 -13.20 26.70 -19.50
CA ASP E 138 -13.54 27.73 -20.51
C ASP E 138 -12.66 27.75 -21.75
N ASP E 139 -11.53 27.03 -21.71
CA ASP E 139 -10.59 26.99 -22.83
C ASP E 139 -10.75 25.74 -23.69
N LEU E 140 -11.61 24.80 -23.30
CA LEU E 140 -11.63 23.49 -23.97
C LEU E 140 -12.19 23.57 -25.42
N LYS E 141 -12.97 24.61 -25.70
CA LYS E 141 -13.38 24.89 -27.07
C LYS E 141 -12.18 25.07 -28.01
N PHE E 142 -11.04 25.56 -27.48
CA PHE E 142 -9.81 25.73 -28.29
C PHE E 142 -8.94 24.49 -28.46
N TYR E 143 -9.07 23.55 -27.54
CA TYR E 143 -8.17 22.40 -27.43
C TYR E 143 -8.91 21.31 -26.61
N PRO E 144 -9.78 20.54 -27.30
CA PRO E 144 -10.63 19.62 -26.56
C PRO E 144 -9.97 18.29 -26.27
N ASP E 145 -8.96 17.91 -27.05
CA ASP E 145 -8.27 16.63 -26.86
C ASP E 145 -6.93 16.84 -26.18
N ARG E 146 -6.81 16.29 -24.97
CA ARG E 146 -5.61 16.42 -24.14
C ARG E 146 -5.04 15.02 -23.85
N ASP E 147 -3.75 14.94 -23.58
CA ASP E 147 -3.15 13.68 -23.11
C ASP E 147 -1.86 13.97 -22.36
N THR E 148 -1.17 12.91 -21.94
CA THR E 148 0.01 13.05 -21.08
C THR E 148 1.36 13.03 -21.84
N CYS E 149 1.38 13.27 -23.16
CA CYS E 149 2.65 13.29 -23.90
C CYS E 149 3.64 14.29 -23.31
N GLY E 150 4.87 13.84 -23.14
CA GLY E 150 5.91 14.66 -22.58
C GLY E 150 5.88 14.86 -21.07
N CYS E 151 4.93 14.26 -20.36
CA CYS E 151 4.84 14.43 -18.90
C CYS E 151 5.86 13.52 -18.21
N SER E 152 6.42 14.01 -17.11
CA SER E 152 7.32 13.20 -16.29
C SER E 152 7.37 13.68 -14.84
N PHE E 153 7.89 12.79 -13.99
CA PHE E 153 8.01 13.02 -12.55
C PHE E 153 9.33 12.48 -12.09
N HIS E 154 10.08 13.27 -11.31
CA HIS E 154 11.33 12.78 -10.74
C HIS E 154 11.77 13.62 -9.56
N GLY E 155 12.73 13.12 -8.80
CA GLY E 155 13.33 13.78 -7.64
C GLY E 155 14.32 14.91 -7.92
N SER E 156 14.68 15.10 -9.19
CA SER E 156 15.46 16.27 -9.61
C SER E 156 14.84 16.83 -10.88
N LEU E 157 15.02 18.14 -11.05
CA LEU E 157 14.52 18.85 -12.22
C LEU E 157 15.16 18.29 -13.50
N ASN E 158 16.50 18.12 -13.47
CA ASN E 158 17.26 17.52 -14.57
C ASN E 158 16.74 16.15 -15.00
N ASP E 159 16.54 15.26 -14.03
CA ASP E 159 15.95 13.96 -14.36
C ASP E 159 14.53 14.08 -14.91
N ALA E 160 13.71 14.99 -14.38
CA ALA E 160 12.33 15.15 -14.87
C ALA E 160 12.32 15.64 -16.32
N ILE E 161 13.11 16.67 -16.59
CA ILE E 161 13.29 17.20 -17.94
C ILE E 161 13.77 16.08 -18.87
N GLU E 162 14.76 15.30 -18.46
CA GLU E 162 15.27 14.17 -19.26
C GLU E 162 14.19 13.12 -19.53
N GLY E 163 13.43 12.76 -18.48
CA GLY E 163 12.25 11.90 -18.62
C GLY E 163 11.23 12.46 -19.62
N SER E 164 10.96 13.76 -19.52
CA SER E 164 10.02 14.43 -20.45
C SER E 164 10.57 14.47 -21.87
N LEU E 165 11.85 14.83 -22.03
CA LEU E 165 12.54 14.80 -23.32
C LEU E 165 12.48 13.43 -24.00
N CYS E 166 12.72 12.36 -23.23
CA CYS E 166 12.64 11.01 -23.76
C CYS E 166 11.25 10.67 -24.28
N GLU E 167 10.24 10.94 -23.45
CA GLU E 167 8.86 10.68 -23.88
C GLU E 167 8.42 11.53 -25.09
N PHE E 168 8.78 12.81 -25.08
CA PHE E 168 8.57 13.71 -26.22
C PHE E 168 9.12 13.09 -27.49
N MET E 169 10.38 12.67 -27.44
CA MET E 169 11.02 12.01 -28.57
C MET E 169 10.29 10.74 -28.98
N GLU E 170 9.84 9.96 -27.99
CA GLU E 170 9.10 8.72 -28.26
C GLU E 170 7.82 9.01 -29.02
N ARG E 171 7.08 9.99 -28.53
CA ARG E 171 5.76 10.27 -29.08
C ARG E 171 5.82 10.99 -30.42
N GLN E 172 6.76 11.92 -30.56
CA GLN E 172 6.93 12.62 -31.84
C GLN E 172 7.44 11.63 -32.90
N SER E 173 8.35 10.76 -32.49
CA SER E 173 8.81 9.67 -33.37
C SER E 173 7.68 8.73 -33.75
N LEU E 174 6.84 8.31 -32.80
CA LEU E 174 5.77 7.36 -33.07
C LEU E 174 4.77 7.90 -34.09
N LEU E 175 4.36 9.15 -33.90
CA LEU E 175 3.40 9.79 -34.78
C LEU E 175 3.93 9.92 -36.19
N LEU E 176 5.17 10.37 -36.33
CA LEU E 176 5.79 10.51 -37.65
C LEU E 176 5.87 9.14 -38.34
N TYR E 177 6.32 8.11 -37.60
CA TYR E 177 6.30 6.72 -38.08
C TYR E 177 4.89 6.26 -38.48
N TRP E 178 3.95 6.44 -37.56
CA TRP E 178 2.54 6.14 -37.83
C TRP E 178 2.05 6.76 -39.14
N LEU E 179 2.26 8.06 -39.30
CA LEU E 179 1.71 8.76 -40.47
C LEU E 179 2.35 8.34 -41.78
N GLN E 180 3.66 8.07 -41.77
CA GLN E 180 4.44 7.81 -43.00
C GLN E 180 4.91 6.38 -43.23
N GLY E 181 4.82 5.52 -42.23
CA GLY E 181 5.40 4.18 -42.34
C GLY E 181 6.92 4.08 -42.42
N LYS E 182 7.65 5.19 -42.19
CA LYS E 182 9.10 5.17 -42.35
C LYS E 182 9.83 4.91 -41.03
N ALA E 183 10.73 3.92 -41.08
CA ALA E 183 11.63 3.55 -39.99
C ALA E 183 13.06 3.66 -40.48
N ASN E 184 14.01 3.88 -39.58
CA ASN E 184 15.42 4.01 -39.99
C ASN E 184 16.05 2.65 -40.29
N THR E 185 15.80 1.71 -39.39
CA THR E 185 16.43 0.41 -39.46
C THR E 185 15.54 -0.63 -38.80
N GLU E 186 15.84 -1.90 -39.02
CA GLU E 186 15.17 -2.98 -38.31
C GLU E 186 16.24 -3.77 -37.53
N ILE E 187 15.98 -4.01 -36.25
CA ILE E 187 16.87 -4.83 -35.44
C ILE E 187 16.40 -6.27 -35.58
N SER E 188 17.34 -7.20 -35.75
CA SER E 188 17.04 -8.61 -35.86
C SER E 188 16.05 -9.07 -34.80
N SER E 189 14.98 -9.70 -35.26
CA SER E 189 13.95 -10.21 -34.41
C SER E 189 14.44 -11.37 -33.54
N GLU E 190 15.59 -11.97 -33.89
CA GLU E 190 16.24 -13.00 -33.07
C GLU E 190 17.38 -12.47 -32.19
N ILE E 191 17.47 -11.15 -32.05
CA ILE E 191 18.47 -10.51 -31.21
C ILE E 191 18.50 -11.11 -29.80
N VAL E 192 19.70 -11.41 -29.34
CA VAL E 192 19.94 -11.79 -27.96
C VAL E 192 20.56 -10.56 -27.30
N THR E 193 20.04 -10.21 -26.13
CA THR E 193 20.50 -9.04 -25.38
C THR E 193 21.65 -9.35 -24.39
N GLY E 194 21.68 -10.56 -23.82
CA GLY E 194 22.56 -10.87 -22.68
C GLY E 194 22.00 -10.43 -21.33
N ILE E 195 20.79 -9.87 -21.31
CA ILE E 195 20.18 -9.41 -20.07
C ILE E 195 19.03 -10.35 -19.81
N ASN E 196 19.05 -10.97 -18.62
CA ASN E 196 18.23 -12.16 -18.36
C ASN E 196 16.75 -11.90 -18.59
N HIS E 197 16.22 -10.85 -17.99
CA HIS E 197 14.78 -10.61 -18.04
C HIS E 197 14.27 -10.14 -19.43
N ILE E 198 15.16 -9.53 -20.21
CA ILE E 198 14.82 -9.05 -21.53
C ILE E 198 14.73 -10.22 -22.49
N ASP E 199 15.72 -11.09 -22.45
CA ASP E 199 15.74 -12.28 -23.31
C ASP E 199 14.65 -13.28 -22.99
N GLU E 200 14.28 -13.36 -21.72
CA GLU E 200 13.17 -14.19 -21.24
C GLU E 200 11.84 -13.79 -21.91
N ILE E 201 11.56 -12.49 -21.90
CA ILE E 201 10.39 -11.92 -22.56
C ILE E 201 10.47 -12.19 -24.07
N LEU E 202 11.60 -11.87 -24.70
CA LEU E 202 11.75 -12.03 -26.15
C LEU E 202 11.53 -13.49 -26.57
N LEU E 203 12.09 -14.43 -25.79
CA LEU E 203 11.96 -15.85 -26.10
C LEU E 203 10.50 -16.32 -25.98
N ALA E 204 9.80 -15.86 -24.94
CA ALA E 204 8.37 -16.19 -24.77
C ALA E 204 7.49 -15.60 -25.87
N LEU E 205 7.78 -14.37 -26.28
CA LEU E 205 7.06 -13.72 -27.37
C LEU E 205 7.30 -14.48 -28.69
N ARG E 206 8.56 -14.76 -29.01
CA ARG E 206 8.88 -15.51 -30.23
C ARG E 206 8.25 -16.91 -30.29
N SER E 207 7.99 -17.53 -29.14
CA SER E 207 7.31 -18.84 -29.15
C SER E 207 5.79 -18.72 -29.15
N GLU E 208 5.24 -17.67 -28.54
CA GLU E 208 3.80 -17.41 -28.59
C GLU E 208 3.34 -16.87 -29.97
N GLY E 209 4.19 -16.08 -30.63
CA GLY E 209 3.90 -15.53 -31.95
C GLY E 209 5.16 -15.04 -32.67
N ASP E 210 5.15 -13.79 -33.12
CA ASP E 210 6.29 -13.18 -33.82
C ASP E 210 6.48 -11.74 -33.39
N ILE E 211 7.72 -11.26 -33.51
CA ILE E 211 8.06 -9.86 -33.21
C ILE E 211 8.81 -9.15 -34.34
N ARG E 212 8.67 -7.82 -34.38
CA ARG E 212 9.47 -6.98 -35.25
C ARG E 212 9.97 -5.82 -34.43
N ILE E 213 11.23 -5.48 -34.63
CA ILE E 213 11.87 -4.43 -33.84
C ILE E 213 12.37 -3.39 -34.84
N PHE E 214 11.83 -2.18 -34.74
CA PHE E 214 12.19 -1.08 -35.63
C PHE E 214 12.78 0.11 -34.85
N ASP E 215 13.85 0.71 -35.39
CA ASP E 215 14.33 2.01 -34.92
C ASP E 215 13.52 3.06 -35.68
N ILE E 216 12.63 3.77 -34.96
CA ILE E 216 11.75 4.77 -35.58
C ILE E 216 12.10 6.22 -35.23
N THR E 217 13.31 6.42 -34.69
CA THR E 217 13.77 7.72 -34.23
C THR E 217 13.57 8.82 -35.24
N LEU E 218 13.05 9.98 -34.82
CA LEU E 218 12.97 11.12 -35.74
C LEU E 218 14.26 11.20 -36.57
N PRO E 219 14.13 11.26 -37.92
CA PRO E 219 15.29 11.38 -38.78
C PRO E 219 16.22 12.56 -38.44
N GLY E 220 17.52 12.27 -38.40
CA GLY E 220 18.54 13.25 -38.00
C GLY E 220 18.71 13.40 -36.51
N ALA E 221 17.82 12.83 -35.71
CA ALA E 221 17.90 12.98 -34.28
C ALA E 221 18.98 12.02 -33.69
N PRO E 222 19.68 12.47 -32.61
CA PRO E 222 20.49 11.55 -31.84
C PRO E 222 19.64 10.62 -31.01
N GLY E 223 20.28 9.64 -30.41
CA GLY E 223 19.60 8.63 -29.62
C GLY E 223 18.80 7.67 -30.46
N HIS E 224 18.03 6.83 -29.78
CA HIS E 224 17.32 5.75 -30.43
C HIS E 224 15.95 5.54 -29.80
N ALA E 225 14.91 5.67 -30.63
CA ALA E 225 13.56 5.32 -30.26
C ALA E 225 13.31 3.97 -30.87
N VAL E 226 13.19 2.94 -30.03
CA VAL E 226 12.97 1.57 -30.51
C VAL E 226 11.51 1.20 -30.29
N LEU E 227 10.84 0.78 -31.36
CA LEU E 227 9.48 0.27 -31.30
C LEU E 227 9.54 -1.24 -31.41
N THR E 228 9.00 -1.93 -30.42
CA THR E 228 8.81 -3.39 -30.49
C THR E 228 7.33 -3.68 -30.83
N LEU E 229 7.12 -4.60 -31.78
CA LEU E 229 5.77 -5.03 -32.16
C LEU E 229 5.63 -6.54 -32.03
N TYR E 230 4.45 -6.97 -31.61
CA TYR E 230 4.14 -8.38 -31.44
C TYR E 230 2.78 -8.69 -32.04
N GLY E 231 2.67 -9.88 -32.62
CA GLY E 231 1.38 -10.40 -33.02
C GLY E 231 1.36 -11.91 -33.09
N THR E 232 0.21 -12.51 -32.80
CA THR E 232 0.02 -13.93 -33.02
C THR E 232 -1.33 -14.26 -33.64
N LYS E 233 -1.36 -15.35 -34.40
CA LYS E 233 -2.60 -15.91 -34.93
C LYS E 233 -3.15 -16.96 -33.98
N ASN E 234 -2.36 -17.38 -33.00
CA ASN E 234 -2.70 -18.52 -32.12
C ASN E 234 -4.07 -18.31 -31.47
N LYS E 235 -4.98 -19.27 -31.67
CA LYS E 235 -6.39 -19.13 -31.28
C LYS E 235 -6.54 -18.91 -29.77
N ILE E 236 -5.93 -19.75 -28.94
CA ILE E 236 -6.11 -19.67 -27.47
C ILE E 236 -5.39 -18.51 -26.78
N SER E 237 -4.51 -17.80 -27.48
CA SER E 237 -3.88 -16.59 -26.95
C SER E 237 -4.92 -15.47 -26.82
N ARG E 238 -4.95 -14.79 -25.68
CA ARG E 238 -5.85 -13.65 -25.48
C ARG E 238 -5.30 -12.39 -26.14
N ILE E 239 -3.99 -12.19 -26.05
CA ILE E 239 -3.32 -11.05 -26.69
C ILE E 239 -2.88 -11.44 -28.12
N LYS E 240 -3.51 -10.81 -29.10
CA LYS E 240 -3.23 -11.02 -30.50
C LYS E 240 -2.20 -10.01 -31.04
N TYR E 241 -2.03 -8.89 -30.34
CA TYR E 241 -1.15 -7.80 -30.74
C TYR E 241 -0.68 -7.03 -29.49
N SER E 242 0.59 -6.60 -29.52
CA SER E 242 1.09 -5.69 -28.50
C SER E 242 2.28 -4.87 -29.01
N THR E 243 2.68 -3.91 -28.21
CA THR E 243 3.68 -2.98 -28.62
C THR E 243 4.34 -2.35 -27.43
N GLY E 244 5.60 -1.98 -27.60
CA GLY E 244 6.36 -1.21 -26.61
C GLY E 244 7.27 -0.22 -27.33
N LEU E 245 7.61 0.85 -26.65
CA LEU E 245 8.37 1.93 -27.23
C LEU E 245 9.21 2.61 -26.15
N SER E 246 10.45 2.97 -26.50
CA SER E 246 11.28 3.69 -25.59
C SER E 246 12.39 4.41 -26.34
N TYR E 247 12.77 5.58 -25.82
CA TYR E 247 13.85 6.37 -26.35
C TYR E 247 14.95 6.50 -25.29
N ALA E 248 16.19 6.31 -25.72
CA ALA E 248 17.37 6.50 -24.89
C ALA E 248 18.54 6.87 -25.81
N ASN E 249 19.63 7.38 -25.25
CA ASN E 249 20.86 7.61 -26.05
C ASN E 249 21.46 6.31 -26.52
N SER E 250 21.39 5.30 -25.67
CA SER E 250 21.93 3.97 -25.93
C SER E 250 20.86 3.14 -26.64
N LEU E 251 21.23 2.51 -27.74
CA LEU E 251 20.35 1.69 -28.52
C LEU E 251 19.91 0.48 -27.73
N LYS E 252 20.86 -0.21 -27.13
CA LYS E 252 20.59 -1.38 -26.24
C LYS E 252 19.58 -1.03 -25.15
N LYS E 253 19.82 0.09 -24.49
CA LYS E 253 18.97 0.56 -23.43
C LYS E 253 17.57 0.79 -23.97
N ALA E 254 17.45 1.52 -25.07
CA ALA E 254 16.14 1.77 -25.69
C ALA E 254 15.42 0.46 -26.00
N LEU E 255 16.16 -0.50 -26.52
CA LEU E 255 15.57 -1.78 -26.91
C LEU E 255 15.07 -2.53 -25.68
N CYS E 256 15.92 -2.64 -24.67
CA CYS E 256 15.55 -3.28 -23.40
C CYS E 256 14.32 -2.66 -22.76
N LYS E 257 14.32 -1.34 -22.59
CA LYS E 257 13.15 -0.67 -22.04
C LYS E 257 11.91 -0.92 -22.93
N SER E 258 12.09 -0.85 -24.24
CA SER E 258 10.99 -1.11 -25.18
C SER E 258 10.37 -2.50 -24.99
N VAL E 259 11.23 -3.50 -24.81
CA VAL E 259 10.76 -4.86 -24.59
C VAL E 259 9.91 -4.91 -23.32
N VAL E 260 10.34 -4.20 -22.29
CA VAL E 260 9.66 -4.27 -20.99
C VAL E 260 8.34 -3.52 -21.02
N GLU E 261 8.32 -2.38 -21.71
CA GLU E 261 7.09 -1.68 -22.00
C GLU E 261 6.09 -2.61 -22.69
N LEU E 262 6.50 -3.35 -23.71
CA LEU E 262 5.60 -4.29 -24.40
C LEU E 262 5.05 -5.35 -23.42
N TRP E 263 5.92 -5.93 -22.60
CA TRP E 263 5.51 -6.93 -21.63
C TRP E 263 4.48 -6.38 -20.61
N GLN E 264 4.74 -5.18 -20.13
CA GLN E 264 3.82 -4.48 -19.25
C GLN E 264 2.43 -4.30 -19.90
N SER E 265 2.36 -3.88 -21.15
CA SER E 265 1.06 -3.70 -21.81
C SER E 265 0.41 -5.02 -22.10
N TYR E 266 1.22 -5.97 -22.52
CA TYR E 266 0.78 -7.33 -22.81
C TYR E 266 0.10 -7.90 -21.59
N ILE E 267 0.79 -7.85 -20.43
CA ILE E 267 0.28 -8.51 -19.24
C ILE E 267 -0.91 -7.79 -18.61
N CYS E 268 -0.91 -6.45 -18.59
CA CYS E 268 -2.04 -5.71 -18.05
C CYS E 268 -3.31 -5.99 -18.79
N LEU E 269 -3.24 -6.00 -20.13
CA LEU E 269 -4.42 -6.35 -20.93
C LEU E 269 -4.78 -7.82 -20.75
N HIS E 270 -3.79 -8.71 -20.75
CA HIS E 270 -4.04 -10.15 -20.54
C HIS E 270 -4.78 -10.38 -19.24
N ASN E 271 -4.31 -9.76 -18.16
CA ASN E 271 -4.92 -9.91 -16.85
C ASN E 271 -6.34 -9.31 -16.75
N PHE E 272 -6.54 -8.19 -17.43
CA PHE E 272 -7.87 -7.61 -17.57
C PHE E 272 -8.83 -8.63 -18.22
N LEU E 273 -8.36 -9.26 -19.30
CA LEU E 273 -9.17 -10.21 -20.06
C LEU E 273 -9.42 -11.56 -19.36
N ILE E 274 -8.47 -12.09 -18.58
CA ILE E 274 -8.72 -13.32 -17.81
C ILE E 274 -9.40 -13.02 -16.47
N GLY E 275 -9.32 -11.78 -15.98
CA GLY E 275 -10.18 -11.29 -14.90
C GLY E 275 -11.68 -11.23 -15.23
N GLY E 276 -12.03 -11.21 -16.51
CA GLY E 276 -13.43 -11.11 -16.94
C GLY E 276 -14.04 -9.73 -16.69
N TYR E 277 -13.18 -8.73 -16.51
CA TYR E 277 -13.61 -7.35 -16.27
C TYR E 277 -14.37 -6.80 -17.47
N THR E 278 -15.25 -5.84 -17.21
CA THR E 278 -16.23 -5.34 -18.18
C THR E 278 -15.73 -4.05 -18.83
N ASP E 279 -16.36 -3.69 -19.94
CA ASP E 279 -16.11 -2.40 -20.61
C ASP E 279 -16.33 -1.18 -19.71
N ASP E 280 -17.28 -1.27 -18.78
CA ASP E 280 -17.54 -0.19 -17.83
C ASP E 280 -16.40 0.04 -16.83
N ASP E 281 -15.49 -0.92 -16.69
CA ASP E 281 -14.28 -0.73 -15.88
C ASP E 281 -13.22 0.12 -16.58
N ILE E 282 -13.32 0.23 -17.91
CA ILE E 282 -12.42 1.07 -18.72
C ILE E 282 -13.00 2.48 -18.78
N ILE E 283 -12.27 3.44 -18.19
CA ILE E 283 -12.64 4.86 -18.15
C ILE E 283 -11.77 5.77 -19.03
N ASP E 284 -10.71 5.21 -19.61
CA ASP E 284 -9.73 5.97 -20.38
C ASP E 284 -9.89 5.63 -21.87
N SER E 285 -10.17 6.64 -22.68
CA SER E 285 -10.48 6.38 -24.10
C SER E 285 -9.27 5.86 -24.92
N TYR E 286 -8.04 6.23 -24.53
CA TYR E 286 -6.81 5.67 -25.14
C TYR E 286 -6.68 4.17 -24.80
N GLN E 287 -6.99 3.80 -23.56
CA GLN E 287 -7.06 2.39 -23.16
C GLN E 287 -8.15 1.67 -23.92
N ARG E 288 -9.32 2.31 -24.05
CA ARG E 288 -10.44 1.73 -24.78
C ARG E 288 -10.05 1.50 -26.26
N HIS E 289 -9.45 2.51 -26.88
CA HIS E 289 -8.99 2.39 -28.26
C HIS E 289 -7.92 1.29 -28.39
N PHE E 290 -6.94 1.29 -27.48
CA PHE E 290 -5.90 0.26 -27.54
C PHE E 290 -6.46 -1.15 -27.44
N MET E 291 -7.44 -1.33 -26.55
CA MET E 291 -8.12 -2.61 -26.39
C MET E 291 -8.79 -3.08 -27.70
N SER E 292 -9.40 -2.16 -28.45
CA SER E 292 -10.06 -2.51 -29.72
C SER E 292 -9.06 -2.80 -30.83
N CYS E 293 -7.81 -2.34 -30.64
CA CYS E 293 -6.68 -2.69 -31.51
C CYS E 293 -6.01 -4.05 -31.19
N ASN E 294 -6.52 -4.82 -30.23
CA ASN E 294 -5.94 -6.15 -29.92
C ASN E 294 -6.46 -7.19 -30.93
N LYS E 295 -5.85 -7.14 -32.11
CA LYS E 295 -6.11 -8.09 -33.17
C LYS E 295 -4.88 -8.14 -34.06
N TYR E 296 -4.71 -9.28 -34.73
CA TYR E 296 -3.54 -9.51 -35.58
C TYR E 296 -3.36 -8.47 -36.68
N GLU E 297 -4.47 -7.90 -37.19
CA GLU E 297 -4.41 -6.91 -38.28
C GLU E 297 -3.71 -5.62 -37.88
N SER E 298 -3.71 -5.30 -36.58
CA SER E 298 -2.86 -4.23 -36.08
C SER E 298 -1.36 -4.52 -36.40
N PHE E 299 -0.94 -5.76 -36.19
CA PHE E 299 0.45 -6.19 -36.39
C PHE E 299 0.84 -6.21 -37.87
N THR E 300 0.06 -6.89 -38.70
CA THR E 300 0.33 -6.95 -40.15
C THR E 300 0.27 -5.57 -40.79
N ASP E 301 -0.72 -4.76 -40.42
CA ASP E 301 -0.84 -3.40 -40.98
C ASP E 301 0.39 -2.54 -40.73
N LEU E 302 0.92 -2.57 -39.51
CA LEU E 302 2.15 -1.82 -39.21
C LEU E 302 3.34 -2.36 -40.02
N CYS E 303 3.59 -3.66 -39.91
CA CYS E 303 4.71 -4.34 -40.56
C CYS E 303 4.73 -4.28 -42.12
N GLU E 304 3.58 -4.44 -42.74
CA GLU E 304 3.49 -4.43 -44.20
C GLU E 304 3.58 -3.01 -44.81
N ASN E 305 3.35 -1.99 -43.99
CA ASN E 305 3.47 -0.61 -44.44
C ASN E 305 4.70 0.06 -43.86
N THR E 306 5.60 -0.72 -43.26
CA THR E 306 6.88 -0.19 -42.80
C THR E 306 7.93 -0.18 -43.94
N VAL E 307 8.48 1.00 -44.22
CA VAL E 307 9.56 1.17 -45.19
C VAL E 307 10.83 1.51 -44.40
N LEU E 308 11.87 0.70 -44.59
CA LEU E 308 13.14 0.88 -43.91
C LEU E 308 14.09 1.76 -44.72
N LEU E 309 14.73 2.74 -44.07
CA LEU E 309 15.81 3.51 -44.71
C LEU E 309 17.04 2.64 -45.06
N SER E 310 17.36 1.63 -44.23
CA SER E 310 18.39 0.61 -44.55
C SER E 310 17.79 -0.79 -44.57
N ASP E 311 18.03 -1.53 -45.65
CA ASP E 311 17.57 -2.91 -45.82
C ASP E 311 18.31 -3.92 -44.93
N ASP E 312 19.56 -3.62 -44.56
CA ASP E 312 20.39 -4.52 -43.74
C ASP E 312 19.83 -4.63 -42.32
N VAL E 313 19.29 -5.80 -41.96
CA VAL E 313 18.77 -6.03 -40.61
C VAL E 313 19.93 -6.09 -39.62
N LYS E 314 19.85 -5.27 -38.56
CA LYS E 314 20.94 -5.13 -37.61
C LYS E 314 21.03 -6.37 -36.73
N LEU E 315 22.19 -7.04 -36.73
CA LEU E 315 22.44 -8.19 -35.85
C LEU E 315 23.07 -7.77 -34.53
N THR E 316 23.49 -6.51 -34.42
CA THR E 316 24.12 -5.99 -33.20
C THR E 316 23.66 -4.56 -32.88
N LEU E 317 23.90 -4.15 -31.64
CA LEU E 317 23.30 -2.95 -31.07
C LEU E 317 24.27 -1.79 -30.80
N GLU E 318 25.26 -1.60 -31.67
CA GLU E 318 26.17 -0.43 -31.55
C GLU E 318 25.53 0.92 -31.99
N GLU E 319 26.05 2.01 -31.43
CA GLU E 319 25.62 3.37 -31.80
C GLU E 319 26.25 3.73 -33.16
N ASN E 320 25.92 4.91 -33.68
CA ASN E 320 26.51 5.43 -34.94
C ASN E 320 26.92 6.90 -34.77
N ILE E 321 27.41 7.50 -35.85
CA ILE E 321 27.87 8.89 -35.79
C ILE E 321 26.78 9.91 -35.38
N THR E 322 25.53 9.68 -35.77
CA THR E 322 24.42 10.59 -35.38
C THR E 322 23.96 10.45 -33.91
N SER E 323 24.03 9.23 -33.35
CA SER E 323 23.58 8.98 -31.95
C SER E 323 24.11 10.00 -30.93
N ASP E 324 25.36 10.41 -31.17
CA ASP E 324 26.20 11.20 -30.27
C ASP E 324 25.84 12.70 -30.23
N THR E 325 25.14 13.20 -31.26
CA THR E 325 24.98 14.65 -31.44
C THR E 325 24.09 15.24 -30.35
N ASN E 326 24.07 16.56 -30.28
CA ASN E 326 23.39 17.25 -29.20
C ASN E 326 21.86 17.27 -29.49
N LEU E 327 21.08 16.67 -28.58
CA LEU E 327 19.62 16.62 -28.71
C LEU E 327 18.95 18.02 -28.64
N LEU E 328 19.40 18.86 -27.72
CA LEU E 328 18.90 20.25 -27.62
C LEU E 328 19.20 21.08 -28.88
N ASN E 329 20.41 20.94 -29.42
CA ASN E 329 20.73 21.63 -30.69
C ASN E 329 19.84 21.13 -31.82
N TYR E 330 19.66 19.81 -31.90
CA TYR E 330 18.81 19.19 -32.91
C TYR E 330 17.38 19.72 -32.83
N LEU E 331 16.83 19.79 -31.62
CA LEU E 331 15.48 20.30 -31.44
C LEU E 331 15.35 21.80 -31.72
N GLN E 332 16.32 22.60 -31.25
CA GLN E 332 16.28 24.05 -31.49
C GLN E 332 16.33 24.43 -32.97
N GLN E 333 17.10 23.69 -33.76
CA GLN E 333 17.19 23.88 -35.23
C GLN E 333 15.83 23.66 -35.90
N ILE E 334 15.02 22.74 -35.37
CA ILE E 334 13.63 22.59 -35.82
C ILE E 334 12.73 23.73 -35.31
N SER E 335 12.81 24.03 -34.01
CA SER E 335 11.99 25.08 -33.41
C SER E 335 12.57 25.64 -32.12
N ASP E 336 12.52 26.97 -31.99
CA ASP E 336 12.76 27.68 -30.72
C ASP E 336 11.61 27.54 -29.71
N ASN E 337 10.42 27.17 -30.20
CA ASN E 337 9.22 27.16 -29.38
C ASN E 337 8.99 25.78 -28.73
N ILE E 338 9.89 25.45 -27.81
CA ILE E 338 9.78 24.26 -27.00
C ILE E 338 9.86 24.74 -25.54
N PHE E 339 8.84 24.37 -24.78
CA PHE E 339 8.64 24.84 -23.43
C PHE E 339 8.54 23.68 -22.45
N VAL E 340 9.00 23.97 -21.23
CA VAL E 340 8.95 23.05 -20.11
C VAL E 340 7.97 23.60 -19.10
N TYR E 341 6.78 23.00 -19.02
CA TYR E 341 5.91 23.21 -17.86
C TYR E 341 6.59 22.53 -16.69
N TYR E 342 6.48 23.13 -15.52
CA TYR E 342 7.02 22.53 -14.32
C TYR E 342 6.18 22.89 -13.09
N ALA E 343 6.24 21.98 -12.12
CA ALA E 343 5.74 22.21 -10.78
C ALA E 343 6.64 21.42 -9.82
N ARG E 344 6.58 21.79 -8.56
CA ARG E 344 7.38 21.15 -7.56
C ARG E 344 6.77 21.27 -6.16
N GLU E 345 7.11 20.27 -5.35
CA GLU E 345 6.55 20.06 -4.03
C GLU E 345 7.63 19.52 -3.11
N ARG E 346 7.75 20.12 -1.93
CA ARG E 346 8.66 19.64 -0.92
C ARG E 346 8.20 18.31 -0.31
N VAL E 347 9.15 17.37 -0.21
CA VAL E 347 8.95 16.04 0.41
C VAL E 347 10.18 15.88 1.27
N SER E 348 10.03 15.89 2.59
CA SER E 348 11.17 15.91 3.54
C SER E 348 12.04 17.12 3.27
N ASN E 349 13.36 16.90 3.06
CA ASN E 349 14.31 17.98 2.70
C ASN E 349 14.64 17.99 1.23
N SER E 350 13.73 17.48 0.41
CA SER E 350 13.87 17.40 -1.04
C SER E 350 12.71 18.06 -1.71
N LEU E 351 12.85 18.18 -3.02
CA LEU E 351 11.79 18.59 -3.92
C LEU E 351 11.56 17.45 -4.89
N VAL E 352 10.29 17.14 -5.14
CA VAL E 352 9.92 16.33 -6.29
C VAL E 352 9.38 17.27 -7.36
N TRP E 353 9.49 16.81 -8.61
CA TRP E 353 9.32 17.64 -9.80
C TRP E 353 8.38 16.98 -10.78
N TYR E 354 7.45 17.76 -11.30
CA TYR E 354 6.53 17.36 -12.35
C TYR E 354 6.90 18.24 -13.54
N THR E 355 7.04 17.65 -14.73
CA THR E 355 7.35 18.45 -15.93
C THR E 355 6.53 17.95 -17.12
N LYS E 356 6.29 18.85 -18.07
CA LYS E 356 5.78 18.46 -19.38
C LYS E 356 6.47 19.33 -20.42
N ILE E 357 7.14 18.69 -21.38
CA ILE E 357 7.70 19.39 -22.52
C ILE E 357 6.64 19.50 -23.61
N VAL E 358 6.36 20.74 -24.02
CA VAL E 358 5.31 21.07 -25.02
C VAL E 358 5.93 21.90 -26.13
N SER E 359 5.53 21.64 -27.37
CA SER E 359 5.82 22.53 -28.48
C SER E 359 4.65 22.59 -29.47
N PRO E 360 4.15 23.81 -29.77
CA PRO E 360 3.18 23.98 -30.86
C PRO E 360 3.77 23.81 -32.25
N ASP E 361 5.10 23.67 -32.37
CA ASP E 361 5.71 23.32 -33.66
C ASP E 361 5.89 21.81 -33.85
N PHE E 362 5.46 21.05 -32.85
CA PHE E 362 5.39 19.60 -32.95
C PHE E 362 3.94 19.21 -32.70
N PHE E 363 3.65 17.91 -32.78
CA PHE E 363 2.33 17.43 -32.38
C PHE E 363 2.10 17.74 -30.90
N LEU E 364 1.00 18.46 -30.59
CA LEU E 364 0.65 18.79 -29.21
C LEU E 364 0.11 17.60 -28.40
N HIS E 365 -0.40 16.57 -29.08
CA HIS E 365 -0.86 15.35 -28.42
C HIS E 365 -0.82 14.23 -29.46
N MET E 366 -1.17 13.00 -29.10
CA MET E 366 -0.92 11.85 -30.00
C MET E 366 -2.16 11.21 -30.65
N ASN E 367 -3.30 11.88 -30.57
CA ASN E 367 -4.57 11.34 -31.10
C ASN E 367 -4.91 12.04 -32.42
N ASN E 368 -4.43 11.53 -33.54
CA ASN E 368 -4.74 12.22 -34.81
C ASN E 368 -6.13 11.87 -35.40
N SER E 369 -6.93 11.08 -34.67
CA SER E 369 -8.38 10.99 -34.91
C SER E 369 -9.16 12.18 -34.30
N GLY E 370 -8.51 12.98 -33.44
CA GLY E 370 -9.17 14.12 -32.81
C GLY E 370 -8.73 15.45 -33.41
N ALA E 371 -8.78 16.49 -32.58
CA ALA E 371 -8.48 17.85 -32.98
C ALA E 371 -7.01 18.13 -32.66
N ILE E 372 -6.19 18.08 -33.70
CA ILE E 372 -4.74 18.03 -33.57
C ILE E 372 -4.11 19.02 -34.53
N ASN E 373 -2.93 19.52 -34.17
CA ASN E 373 -2.16 20.41 -35.06
C ASN E 373 -1.38 19.59 -36.10
N ILE E 374 -2.11 19.04 -37.06
CA ILE E 374 -1.56 18.18 -38.12
C ILE E 374 -0.42 18.82 -38.94
N ASN E 375 -0.50 20.13 -39.19
CA ASN E 375 0.56 20.84 -39.92
C ASN E 375 1.50 21.51 -38.93
N ASN E 376 2.75 21.05 -38.89
CA ASN E 376 3.73 21.57 -37.95
C ASN E 376 5.17 21.46 -38.52
N LYS E 377 6.19 21.70 -37.71
CA LYS E 377 7.57 21.70 -38.25
C LYS E 377 8.13 20.32 -38.62
N ILE E 378 7.47 19.20 -38.27
CA ILE E 378 7.88 17.84 -38.74
C ILE E 378 6.88 17.11 -39.67
N TYR E 379 5.72 17.69 -39.92
CA TYR E 379 4.72 17.03 -40.77
C TYR E 379 3.74 18.05 -41.33
N HIS E 380 3.25 17.79 -42.55
CA HIS E 380 2.21 18.60 -43.18
C HIS E 380 1.20 17.64 -43.84
N THR E 381 -0.08 18.01 -43.83
CA THR E 381 -1.13 17.23 -44.50
C THR E 381 -0.66 16.74 -45.89
N GLY E 382 -0.78 15.44 -46.13
CA GLY E 382 -0.52 14.82 -47.43
C GLY E 382 0.85 14.21 -47.62
N ASP E 383 1.76 14.43 -46.68
CA ASP E 383 3.07 13.80 -46.73
C ASP E 383 2.98 12.29 -46.57
N GLY E 384 2.09 11.84 -45.69
CA GLY E 384 2.05 10.44 -45.30
C GLY E 384 0.89 9.68 -45.89
N ILE E 385 0.51 8.59 -45.23
CA ILE E 385 -0.58 7.71 -45.66
C ILE E 385 -1.90 8.32 -45.20
N LYS E 386 -2.78 8.58 -46.13
CA LYS E 386 -3.94 9.45 -45.90
C LYS E 386 -4.90 8.96 -44.79
N VAL E 387 -5.23 7.66 -44.80
CA VAL E 387 -6.10 7.06 -43.76
C VAL E 387 -5.54 7.17 -42.34
N ARG E 388 -4.21 7.14 -42.22
CA ARG E 388 -3.50 7.25 -40.95
C ARG E 388 -3.71 8.64 -40.35
N GLU E 389 -3.80 9.65 -41.22
CA GLU E 389 -3.96 11.07 -40.84
C GLU E 389 -5.18 11.35 -39.94
N SER E 390 -6.27 10.60 -40.15
CA SER E 390 -7.51 10.73 -39.35
C SER E 390 -7.78 9.55 -38.38
N LYS E 391 -6.79 8.68 -38.15
CA LYS E 391 -6.99 7.45 -37.42
C LYS E 391 -5.91 7.31 -36.33
N MET E 392 -6.30 7.09 -35.10
CA MET E 392 -5.34 7.08 -34.00
C MET E 392 -4.45 5.84 -34.04
N VAL E 393 -3.16 6.09 -33.79
CA VAL E 393 -2.13 5.05 -33.67
C VAL E 393 -2.56 3.97 -32.65
N PRO E 394 -2.33 2.67 -32.97
CA PRO E 394 -2.67 1.59 -32.04
C PRO E 394 -1.60 1.43 -30.93
N PHE E 395 -1.62 2.36 -29.98
CA PHE E 395 -0.63 2.50 -28.93
C PHE E 395 -1.37 3.07 -27.71
N PRO E 396 -1.06 2.58 -26.48
CA PRO E 396 -1.84 3.03 -25.29
C PRO E 396 -1.35 4.36 -24.72
#